data_1BWD
#
_entry.id   1BWD
#
_cell.length_a   121.300
_cell.length_b   121.300
_cell.length_c   63.740
_cell.angle_alpha   90.00
_cell.angle_beta   90.00
_cell.angle_gamma   90.00
#
_symmetry.space_group_name_H-M   'P 43'
#
_entity_poly.entity_id   1
_entity_poly.type   'polypeptide(L)'
_entity_poly.pdbx_seq_one_letter_code
;RSLVSVHNEWDPLEEVIVGTAVGARVPTADRSVFAVEYAGDYESQEQIPSGAYPDRVLKETEEELHVLAAELTKLGVTVR
RPGPRDHSALIKTPDWETDGFHDYCPRDGLLSVGQTIIETPMALRSRFLESLAYKDLLLEYFASGSRWLSAPKPRLTDDS
YAPQAPAGERLTDEEPVFDAANVLRFGTDLLYLVSDSGNELGAKWLQSAVGDTYTVHPCRKLYASTHVDSTIVPLRPGLV
LTNPSRVNDENMPDFLRSWENITCPELVDIGFTGDKPHCSVWIGMNLLVVRPDLAVVDRRQTALIRLLEKHGMNVLPLQL
THSRTLGGGFHCATLDVRRTGALETYQF
;
_entity_poly.pdbx_strand_id   A,B
#
# COMPACT_ATOMS: atom_id res chain seq x y z
N ARG A 1 -16.08 -16.46 19.16
CA ARG A 1 -14.80 -15.68 19.08
C ARG A 1 -13.64 -16.63 19.40
N SER A 2 -13.23 -17.37 18.38
CA SER A 2 -12.18 -18.37 18.51
C SER A 2 -10.93 -17.73 19.10
N LEU A 3 -10.20 -18.57 19.85
CA LEU A 3 -8.96 -18.07 20.46
C LEU A 3 -7.80 -18.15 19.45
N VAL A 4 -7.97 -18.93 18.38
CA VAL A 4 -6.98 -19.11 17.33
C VAL A 4 -7.27 -18.22 16.12
N SER A 5 -6.64 -17.07 15.97
CA SER A 5 -6.86 -16.21 14.76
C SER A 5 -5.50 -15.61 14.39
N VAL A 6 -4.92 -16.04 13.26
CA VAL A 6 -3.56 -15.60 12.91
C VAL A 6 -3.28 -15.78 11.41
N HIS A 7 -2.90 -14.71 10.70
CA HIS A 7 -2.69 -14.73 9.25
C HIS A 7 -1.26 -14.60 8.74
N ASN A 8 -0.33 -14.29 9.62
CA ASN A 8 1.06 -14.16 9.19
C ASN A 8 2.02 -14.20 10.39
N GLU A 9 3.29 -14.13 10.04
CA GLU A 9 4.45 -14.19 10.90
C GLU A 9 4.82 -12.96 11.71
N TRP A 10 4.23 -11.80 11.41
CA TRP A 10 4.66 -10.56 12.05
C TRP A 10 3.64 -9.66 12.72
N ASP A 11 2.35 -9.82 12.46
CA ASP A 11 1.36 -8.97 13.16
C ASP A 11 1.50 -9.07 14.69
N PRO A 12 0.86 -8.14 15.41
CA PRO A 12 0.96 -8.02 16.87
C PRO A 12 0.55 -9.21 17.73
N LEU A 13 1.50 -9.98 18.21
CA LEU A 13 1.28 -11.17 19.02
C LEU A 13 0.38 -11.03 20.28
N GLU A 14 -0.74 -11.77 20.33
CA GLU A 14 -1.65 -11.77 21.46
C GLU A 14 -1.52 -12.99 22.39
N GLU A 15 -1.32 -14.18 21.83
CA GLU A 15 -1.19 -15.41 22.63
C GLU A 15 -0.24 -16.33 21.88
N VAL A 16 0.75 -16.86 22.61
CA VAL A 16 1.74 -17.78 22.10
C VAL A 16 1.78 -19.01 23.03
N ILE A 17 2.45 -20.03 22.52
CA ILE A 17 2.74 -21.26 23.28
C ILE A 17 4.27 -21.31 23.37
N VAL A 18 4.86 -21.56 24.56
CA VAL A 18 6.33 -21.53 24.62
C VAL A 18 6.96 -22.91 24.67
N GLY A 19 6.78 -23.78 25.68
CA GLY A 19 7.43 -25.09 25.49
C GLY A 19 8.62 -25.30 26.39
N THR A 20 8.77 -26.49 26.96
CA THR A 20 9.79 -26.87 27.90
C THR A 20 10.97 -27.66 27.33
N ALA A 21 11.93 -27.88 28.24
CA ALA A 21 13.07 -28.74 27.93
C ALA A 21 13.02 -29.92 28.90
N VAL A 22 11.99 -30.00 29.75
CA VAL A 22 11.84 -30.99 30.80
C VAL A 22 12.26 -32.40 30.47
N GLY A 23 11.89 -33.13 29.44
CA GLY A 23 12.43 -34.51 29.41
C GLY A 23 13.09 -34.71 28.02
N ALA A 24 13.62 -33.62 27.48
CA ALA A 24 14.17 -33.69 26.11
C ALA A 24 15.10 -34.88 25.93
N ARG A 25 14.91 -35.60 24.81
CA ARG A 25 15.81 -36.70 24.49
C ARG A 25 16.07 -36.87 22.98
N VAL A 26 17.03 -37.76 22.73
CA VAL A 26 17.37 -38.20 21.37
C VAL A 26 16.76 -39.61 21.33
N PRO A 27 15.89 -39.83 20.35
CA PRO A 27 15.17 -41.10 20.27
C PRO A 27 16.15 -42.23 20.01
N THR A 28 15.59 -43.43 20.12
CA THR A 28 16.34 -44.64 19.79
C THR A 28 16.73 -44.55 18.30
N ALA A 29 17.85 -45.16 17.93
CA ALA A 29 18.35 -45.10 16.54
C ALA A 29 17.29 -45.68 15.59
N ASP A 30 17.13 -45.14 14.38
CA ASP A 30 16.05 -45.56 13.49
C ASP A 30 16.12 -44.90 12.11
N ARG A 31 15.85 -45.64 11.02
CA ARG A 31 15.82 -45.09 9.66
C ARG A 31 15.30 -43.66 9.57
N SER A 32 14.07 -43.35 9.97
CA SER A 32 13.58 -41.98 9.87
C SER A 32 14.38 -40.89 10.58
N VAL A 33 14.75 -41.07 11.86
CA VAL A 33 15.52 -40.04 12.56
C VAL A 33 16.89 -39.92 11.87
N PHE A 34 17.47 -41.05 11.46
CA PHE A 34 18.72 -41.04 10.72
C PHE A 34 18.52 -40.29 9.39
N ALA A 35 17.59 -40.75 8.55
CA ALA A 35 17.35 -40.06 7.26
C ALA A 35 17.06 -38.58 7.44
N VAL A 36 16.11 -38.13 8.26
CA VAL A 36 15.78 -36.71 8.29
C VAL A 36 16.71 -35.88 9.16
N GLU A 37 17.36 -36.44 10.17
CA GLU A 37 18.16 -35.59 11.05
C GLU A 37 19.64 -35.84 11.13
N TYR A 38 20.13 -37.06 11.28
CA TYR A 38 21.54 -37.32 11.49
C TYR A 38 22.34 -37.94 10.36
N ALA A 39 21.79 -38.21 9.18
CA ALA A 39 22.51 -38.89 8.09
C ALA A 39 23.31 -37.89 7.26
N GLY A 40 24.22 -37.18 7.88
CA GLY A 40 25.04 -36.17 7.21
C GLY A 40 26.22 -35.88 8.15
N ASP A 41 26.14 -36.47 9.36
CA ASP A 41 27.17 -36.37 10.39
C ASP A 41 27.56 -37.79 10.82
N TYR A 42 26.60 -38.72 10.87
CA TYR A 42 26.99 -40.09 11.26
C TYR A 42 27.00 -41.06 10.10
N GLU A 43 27.87 -42.06 10.20
CA GLU A 43 28.05 -43.09 9.18
C GLU A 43 26.82 -44.01 9.08
N SER A 44 26.20 -44.30 10.24
CA SER A 44 25.02 -45.14 10.23
C SER A 44 24.18 -44.88 11.47
N GLN A 45 22.87 -45.03 11.33
CA GLN A 45 21.86 -44.81 12.37
C GLN A 45 22.22 -45.39 13.75
N GLU A 46 23.01 -46.44 13.82
CA GLU A 46 23.48 -47.01 15.09
C GLU A 46 24.46 -46.07 15.81
N GLN A 47 25.04 -45.05 15.18
CA GLN A 47 25.90 -44.10 15.82
C GLN A 47 25.19 -42.89 16.45
N ILE A 48 23.93 -42.66 16.10
CA ILE A 48 23.18 -41.53 16.62
C ILE A 48 23.28 -41.59 18.15
N PRO A 49 23.53 -40.48 18.83
CA PRO A 49 23.60 -40.43 20.30
C PRO A 49 22.26 -40.47 21.01
N SER A 50 21.49 -41.55 20.89
CA SER A 50 20.19 -41.61 21.57
C SER A 50 20.36 -41.30 23.06
N GLY A 51 19.32 -40.90 23.76
CA GLY A 51 19.43 -40.60 25.21
C GLY A 51 18.94 -39.21 25.59
N ALA A 52 18.77 -38.99 26.91
CA ALA A 52 18.29 -37.72 27.42
C ALA A 52 19.40 -36.68 27.44
N TYR A 53 19.13 -35.46 26.98
CA TYR A 53 20.18 -34.44 27.07
C TYR A 53 20.64 -34.30 28.53
N PRO A 54 21.89 -33.85 28.69
CA PRO A 54 22.45 -33.63 30.02
C PRO A 54 21.58 -32.64 30.78
N ASP A 55 21.39 -32.86 32.11
CA ASP A 55 20.59 -32.02 33.00
C ASP A 55 20.98 -30.55 32.91
N ARG A 56 22.28 -30.28 32.86
CA ARG A 56 22.71 -28.90 32.74
C ARG A 56 21.99 -28.17 31.60
N VAL A 57 21.95 -28.73 30.38
CA VAL A 57 21.25 -28.06 29.27
C VAL A 57 19.76 -27.90 29.54
N LEU A 58 19.08 -28.92 30.05
CA LEU A 58 17.66 -28.80 30.33
C LEU A 58 17.42 -27.79 31.44
N LYS A 59 18.19 -27.80 32.54
CA LYS A 59 18.05 -26.83 33.64
C LYS A 59 18.17 -25.40 33.12
N GLU A 60 19.35 -25.12 32.56
CA GLU A 60 19.70 -23.84 31.98
C GLU A 60 18.70 -23.41 30.91
N THR A 61 18.31 -24.22 29.92
CA THR A 61 17.36 -23.65 28.93
C THR A 61 15.98 -23.50 29.53
N GLU A 62 15.62 -24.31 30.53
CA GLU A 62 14.29 -24.14 31.14
C GLU A 62 14.27 -22.81 31.87
N GLU A 63 15.36 -22.33 32.51
CA GLU A 63 15.25 -21.01 33.18
C GLU A 63 15.21 -19.93 32.10
N GLU A 64 15.99 -20.09 31.01
CA GLU A 64 16.00 -19.17 29.86
C GLU A 64 14.59 -19.09 29.29
N LEU A 65 13.95 -20.25 29.22
CA LEU A 65 12.59 -20.41 28.75
C LEU A 65 11.60 -19.71 29.67
N HIS A 66 11.83 -19.71 30.99
CA HIS A 66 11.03 -19.01 32.01
C HIS A 66 11.13 -17.51 31.74
N VAL A 67 12.33 -17.01 31.41
CA VAL A 67 12.52 -15.59 31.11
C VAL A 67 11.74 -15.14 29.86
N LEU A 68 11.74 -15.98 28.81
CA LEU A 68 11.04 -15.68 27.56
C LEU A 68 9.55 -15.49 27.87
N ALA A 69 8.95 -16.44 28.58
CA ALA A 69 7.55 -16.40 28.97
C ALA A 69 7.21 -15.17 29.83
N ALA A 70 8.18 -14.86 30.71
CA ALA A 70 8.06 -13.73 31.63
C ALA A 70 8.01 -12.41 30.86
N GLU A 71 8.93 -12.21 29.93
CA GLU A 71 9.01 -10.98 29.13
C GLU A 71 7.87 -10.82 28.14
N LEU A 72 7.39 -11.90 27.51
CA LEU A 72 6.25 -11.78 26.60
C LEU A 72 5.01 -11.42 27.43
N THR A 73 4.89 -11.98 28.65
CA THR A 73 3.80 -11.68 29.58
C THR A 73 3.85 -10.18 29.89
N LYS A 74 5.05 -9.68 30.20
CA LYS A 74 5.29 -8.27 30.44
C LYS A 74 4.82 -7.45 29.23
N LEU A 75 5.02 -7.91 28.00
CA LEU A 75 4.57 -7.27 26.76
C LEU A 75 3.07 -7.38 26.56
N GLY A 76 2.35 -8.10 27.42
CA GLY A 76 0.92 -8.23 27.33
C GLY A 76 0.46 -9.42 26.52
N VAL A 77 1.33 -10.34 26.13
CA VAL A 77 0.97 -11.54 25.38
C VAL A 77 0.48 -12.65 26.33
N THR A 78 -0.43 -13.54 25.90
CA THR A 78 -0.88 -14.60 26.81
C THR A 78 -0.02 -15.84 26.61
N VAL A 79 0.73 -16.27 27.62
CA VAL A 79 1.65 -17.39 27.37
C VAL A 79 1.07 -18.69 27.90
N ARG A 80 1.06 -19.71 27.04
CA ARG A 80 0.57 -21.02 27.44
C ARG A 80 1.77 -21.96 27.29
N ARG A 81 1.85 -22.97 28.18
CA ARG A 81 2.93 -23.94 28.13
C ARG A 81 2.38 -25.34 27.93
N PRO A 82 3.18 -26.23 27.35
CA PRO A 82 2.77 -27.60 27.06
C PRO A 82 2.30 -28.35 28.31
N GLY A 83 1.69 -29.50 28.11
CA GLY A 83 1.26 -30.33 29.26
C GLY A 83 2.43 -31.26 29.56
N PRO A 84 2.32 -32.03 30.66
CA PRO A 84 3.32 -33.03 31.02
C PRO A 84 3.18 -34.28 30.14
N ARG A 85 4.30 -34.87 29.75
CA ARG A 85 4.33 -36.04 28.91
C ARG A 85 5.62 -36.83 29.11
N ASP A 86 5.54 -38.16 29.13
CA ASP A 86 6.79 -38.92 29.28
C ASP A 86 7.35 -39.07 27.85
N HIS A 87 8.58 -38.66 27.57
CA HIS A 87 9.08 -38.81 26.19
C HIS A 87 9.81 -40.13 26.03
N SER A 88 9.94 -40.88 27.13
CA SER A 88 10.64 -42.15 27.10
C SER A 88 9.64 -43.29 27.04
N ALA A 89 8.37 -42.95 27.26
CA ALA A 89 7.29 -43.93 27.14
C ALA A 89 7.31 -44.36 25.66
N LEU A 90 7.22 -45.65 25.40
CA LEU A 90 7.25 -46.17 24.04
C LEU A 90 5.98 -45.90 23.24
N ILE A 91 6.15 -45.65 21.92
CA ILE A 91 5.00 -45.51 21.01
C ILE A 91 5.24 -46.64 20.01
N LYS A 92 4.19 -47.40 19.75
CA LYS A 92 4.32 -48.58 18.88
C LYS A 92 3.13 -48.81 17.96
N THR A 93 3.41 -48.85 16.65
CA THR A 93 2.43 -49.16 15.61
C THR A 93 2.76 -50.54 15.05
N PRO A 94 1.89 -51.09 14.23
CA PRO A 94 2.12 -52.40 13.62
C PRO A 94 3.43 -52.39 12.84
N ASP A 95 3.76 -51.33 12.11
CA ASP A 95 5.00 -51.19 11.37
C ASP A 95 6.24 -50.90 12.21
N TRP A 96 6.24 -50.01 13.21
CA TRP A 96 7.49 -49.73 13.91
C TRP A 96 7.34 -49.43 15.41
N GLU A 97 8.45 -49.09 16.08
CA GLU A 97 8.49 -48.80 17.53
C GLU A 97 9.52 -47.73 17.88
N THR A 98 9.22 -46.86 18.86
CA THR A 98 10.13 -45.81 19.25
C THR A 98 9.74 -45.18 20.60
N ASP A 99 10.59 -44.25 21.01
CA ASP A 99 10.39 -43.38 22.16
C ASP A 99 10.19 -41.97 21.58
N GLY A 100 9.80 -41.01 22.41
CA GLY A 100 9.48 -39.69 21.89
C GLY A 100 10.66 -38.75 21.81
N PHE A 101 10.42 -37.51 21.42
CA PHE A 101 11.42 -36.48 21.21
C PHE A 101 11.58 -35.53 22.41
N HIS A 102 10.83 -34.44 22.33
CA HIS A 102 10.81 -33.40 23.34
C HIS A 102 9.65 -32.47 23.02
N ASP A 103 9.25 -31.60 23.94
CA ASP A 103 8.19 -30.62 23.70
C ASP A 103 8.75 -29.20 23.79
N TYR A 104 9.95 -29.04 23.18
CA TYR A 104 10.68 -27.79 23.19
C TYR A 104 10.42 -26.93 21.94
N CYS A 105 9.84 -27.54 20.90
CA CYS A 105 9.58 -26.81 19.66
C CYS A 105 8.17 -27.01 19.17
N PRO A 106 7.21 -26.32 19.81
CA PRO A 106 5.80 -26.34 19.42
C PRO A 106 5.52 -26.01 17.95
N ARG A 107 6.39 -25.26 17.27
CA ARG A 107 6.27 -24.83 15.89
C ARG A 107 6.16 -25.90 14.80
N ASP A 108 6.93 -26.95 14.99
CA ASP A 108 7.16 -28.08 14.15
C ASP A 108 6.01 -28.94 13.67
N GLY A 109 4.94 -29.20 14.42
CA GLY A 109 3.93 -30.13 13.95
C GLY A 109 2.51 -29.70 14.26
N LEU A 110 2.34 -28.41 14.43
CA LEU A 110 1.07 -27.78 14.75
C LEU A 110 1.05 -26.55 13.83
N LEU A 111 0.13 -26.43 12.89
CA LEU A 111 0.05 -25.30 11.96
C LEU A 111 -1.22 -24.49 12.16
N SER A 112 -1.12 -23.18 12.40
CA SER A 112 -2.31 -22.34 12.60
C SER A 112 -2.46 -21.39 11.41
N VAL A 113 -3.42 -21.63 10.51
CA VAL A 113 -3.57 -20.83 9.30
C VAL A 113 -4.66 -19.79 9.42
N GLY A 114 -5.67 -19.90 10.28
CA GLY A 114 -6.62 -18.76 10.28
C GLY A 114 -7.36 -18.88 11.63
N GLN A 115 -8.44 -19.66 11.61
CA GLN A 115 -9.13 -20.01 12.85
C GLN A 115 -8.92 -21.52 13.02
N THR A 116 -8.13 -22.09 12.10
CA THR A 116 -7.87 -23.52 12.11
C THR A 116 -6.51 -23.91 12.63
N ILE A 117 -6.45 -25.05 13.32
CA ILE A 117 -5.18 -25.66 13.74
C ILE A 117 -5.09 -26.98 12.98
N ILE A 118 -3.96 -27.25 12.31
CA ILE A 118 -3.77 -28.50 11.60
C ILE A 118 -2.66 -29.32 12.25
N GLU A 119 -2.95 -30.53 12.75
CA GLU A 119 -1.84 -31.36 13.25
C GLU A 119 -1.24 -31.95 11.96
N THR A 120 -0.01 -31.55 11.59
CA THR A 120 0.62 -32.00 10.34
C THR A 120 1.12 -33.43 10.53
N PRO A 121 1.39 -34.11 9.41
CA PRO A 121 1.91 -35.47 9.40
C PRO A 121 3.43 -35.50 9.42
N MET A 122 4.00 -35.29 10.60
CA MET A 122 5.41 -35.26 10.90
C MET A 122 6.24 -36.39 10.27
N ALA A 123 7.40 -36.10 9.68
CA ALA A 123 8.30 -37.04 9.04
C ALA A 123 9.00 -37.98 10.01
N LEU A 124 9.14 -37.68 11.30
CA LEU A 124 9.84 -38.51 12.29
C LEU A 124 8.95 -39.42 13.12
N ARG A 125 9.13 -40.74 13.14
CA ARG A 125 8.22 -41.61 13.93
C ARG A 125 8.09 -41.23 15.40
N SER A 126 9.12 -40.70 16.07
CA SER A 126 9.09 -40.25 17.47
C SER A 126 8.10 -39.12 17.73
N ARG A 127 7.70 -38.43 16.66
CA ARG A 127 6.78 -37.31 16.74
C ARG A 127 5.43 -37.71 16.18
N PHE A 128 5.20 -39.02 16.14
CA PHE A 128 3.94 -39.59 15.72
C PHE A 128 2.74 -39.09 16.54
N LEU A 129 2.89 -38.83 17.84
CA LEU A 129 1.82 -38.38 18.71
C LEU A 129 2.24 -37.06 19.37
N GLU A 130 2.85 -36.22 18.52
CA GLU A 130 3.35 -34.90 18.87
C GLU A 130 2.37 -34.02 19.63
N SER A 131 1.11 -34.03 19.23
CA SER A 131 0.08 -33.20 19.84
C SER A 131 -0.47 -33.71 21.18
N LEU A 132 -0.02 -34.85 21.68
CA LEU A 132 -0.51 -35.40 22.96
C LEU A 132 -0.25 -34.47 24.13
N ALA A 133 0.92 -33.84 24.18
CA ALA A 133 1.24 -32.89 25.24
C ALA A 133 0.35 -31.68 25.21
N TYR A 134 -0.36 -31.38 24.12
CA TYR A 134 -1.21 -30.22 23.95
C TYR A 134 -2.71 -30.51 23.91
N LYS A 135 -3.11 -31.72 24.37
CA LYS A 135 -4.53 -32.07 24.28
C LYS A 135 -5.38 -31.04 25.02
N ASP A 136 -5.04 -30.70 26.28
CA ASP A 136 -5.90 -29.73 27.00
C ASP A 136 -5.91 -28.36 26.35
N LEU A 137 -4.80 -27.78 25.89
CA LEU A 137 -4.91 -26.48 25.23
C LEU A 137 -5.84 -26.56 24.01
N LEU A 138 -5.56 -27.48 23.08
CA LEU A 138 -6.33 -27.61 21.83
C LEU A 138 -7.81 -27.77 22.16
N LEU A 139 -8.11 -28.56 23.20
CA LEU A 139 -9.47 -28.84 23.64
C LEU A 139 -10.18 -27.52 23.94
N GLU A 140 -9.49 -26.62 24.61
CA GLU A 140 -9.98 -25.32 25.02
C GLU A 140 -10.16 -24.49 23.76
N TYR A 141 -9.12 -24.38 22.93
CA TYR A 141 -9.22 -23.70 21.60
C TYR A 141 -10.44 -24.23 20.83
N PHE A 142 -10.53 -25.57 20.71
CA PHE A 142 -11.65 -26.21 20.06
C PHE A 142 -12.93 -25.62 20.65
N ALA A 143 -13.18 -25.80 21.94
CA ALA A 143 -14.36 -25.22 22.59
C ALA A 143 -14.29 -23.72 22.62
N SER A 144 -14.38 -22.97 21.55
CA SER A 144 -14.16 -21.53 21.51
C SER A 144 -14.39 -21.11 20.02
N GLY A 145 -14.57 -22.15 19.21
CA GLY A 145 -14.87 -22.05 17.80
C GLY A 145 -13.67 -22.25 16.90
N SER A 146 -12.50 -22.59 17.39
CA SER A 146 -11.37 -22.78 16.44
C SER A 146 -11.59 -24.08 15.68
N ARG A 147 -11.34 -24.07 14.35
CA ARG A 147 -11.51 -25.33 13.59
C ARG A 147 -10.30 -26.20 13.87
N TRP A 148 -10.46 -27.46 14.23
CA TRP A 148 -9.33 -28.30 14.62
C TRP A 148 -9.14 -29.55 13.77
N LEU A 149 -8.22 -29.56 12.80
CA LEU A 149 -8.02 -30.70 11.91
C LEU A 149 -6.68 -31.41 12.09
N SER A 150 -6.61 -32.61 11.50
CA SER A 150 -5.38 -33.36 11.46
C SER A 150 -5.11 -34.01 10.08
N ALA A 151 -3.86 -34.14 9.70
CA ALA A 151 -3.55 -34.83 8.44
C ALA A 151 -3.63 -36.32 8.77
N PRO A 152 -3.88 -37.15 7.77
CA PRO A 152 -3.97 -38.57 7.99
C PRO A 152 -2.71 -39.03 8.71
N LYS A 153 -2.76 -39.92 9.72
CA LYS A 153 -1.50 -40.34 10.37
C LYS A 153 -0.76 -41.23 9.38
N PRO A 154 0.47 -40.91 9.01
CA PRO A 154 1.25 -41.59 7.97
C PRO A 154 1.65 -43.02 8.24
N ARG A 155 1.87 -43.83 7.21
CA ARG A 155 2.30 -45.21 7.48
C ARG A 155 3.75 -45.17 7.97
N LEU A 156 4.53 -44.38 7.23
CA LEU A 156 5.92 -44.15 7.56
C LEU A 156 6.76 -45.40 7.60
N THR A 157 6.63 -46.26 6.59
CA THR A 157 7.45 -47.47 6.45
C THR A 157 8.84 -47.09 5.95
N ASP A 158 9.72 -48.09 5.85
CA ASP A 158 11.10 -47.87 5.44
C ASP A 158 11.19 -47.16 4.10
N ASP A 159 10.25 -47.36 3.18
CA ASP A 159 10.14 -46.75 1.86
C ASP A 159 10.07 -45.24 1.73
N SER A 160 9.70 -44.51 2.78
CA SER A 160 9.58 -43.07 2.78
C SER A 160 10.89 -42.35 3.03
N TYR A 161 11.96 -43.08 3.34
CA TYR A 161 13.25 -42.51 3.69
C TYR A 161 14.35 -42.92 2.71
N ALA A 162 15.42 -42.16 2.60
CA ALA A 162 16.50 -42.44 1.65
C ALA A 162 17.82 -41.90 2.18
N PRO A 163 18.29 -42.49 3.30
CA PRO A 163 19.48 -42.04 4.01
C PRO A 163 20.62 -41.57 3.13
N GLN A 164 20.98 -42.42 2.17
CA GLN A 164 22.07 -42.31 1.20
C GLN A 164 21.89 -41.24 0.15
N ALA A 165 20.71 -40.72 -0.11
CA ALA A 165 20.56 -39.64 -1.12
C ALA A 165 21.22 -38.35 -0.65
N PRO A 166 21.35 -37.40 -1.58
CA PRO A 166 21.85 -36.08 -1.28
C PRO A 166 20.89 -35.35 -0.34
N ALA A 167 21.32 -34.30 0.37
CA ALA A 167 20.42 -33.61 1.31
C ALA A 167 19.24 -32.93 0.62
N GLY A 168 18.07 -32.98 1.29
CA GLY A 168 16.87 -32.41 0.72
C GLY A 168 16.26 -33.39 -0.28
N GLU A 169 16.69 -34.64 -0.19
CA GLU A 169 16.17 -35.70 -1.07
C GLU A 169 16.11 -37.07 -0.41
N ARG A 170 16.17 -37.16 0.93
CA ARG A 170 16.18 -38.41 1.67
C ARG A 170 14.80 -38.71 2.23
N LEU A 171 13.82 -37.91 1.82
CA LEU A 171 12.44 -38.14 2.23
C LEU A 171 11.72 -38.35 0.88
N THR A 172 11.33 -39.62 0.70
CA THR A 172 10.67 -39.89 -0.62
C THR A 172 9.26 -39.31 -0.63
N ASP A 173 8.59 -39.48 -1.77
CA ASP A 173 7.26 -38.89 -1.92
C ASP A 173 6.23 -39.99 -2.05
N GLU A 174 5.99 -40.78 -0.99
CA GLU A 174 5.03 -41.87 -1.11
C GLU A 174 3.67 -41.51 -0.51
N GLU A 175 3.66 -40.54 0.41
CA GLU A 175 2.44 -40.13 1.10
C GLU A 175 2.69 -38.76 1.69
N PRO A 176 1.63 -38.00 1.88
CA PRO A 176 1.75 -36.67 2.42
C PRO A 176 2.51 -36.68 3.75
N VAL A 177 3.77 -36.18 3.72
CA VAL A 177 4.49 -36.02 5.00
C VAL A 177 5.05 -34.61 4.97
N PHE A 178 5.06 -33.93 6.11
CA PHE A 178 5.58 -32.58 6.22
C PHE A 178 5.39 -32.06 7.67
N ASP A 179 6.44 -31.44 8.21
CA ASP A 179 6.41 -30.81 9.53
C ASP A 179 5.81 -29.44 9.30
N ALA A 180 5.08 -28.86 10.25
CA ALA A 180 4.53 -27.51 10.10
C ALA A 180 5.62 -26.47 9.86
N ALA A 181 6.78 -26.64 10.48
CA ALA A 181 7.95 -25.79 10.35
C ALA A 181 8.59 -25.69 8.94
N ASN A 182 7.99 -26.29 7.93
CA ASN A 182 8.40 -26.28 6.52
C ASN A 182 7.48 -25.29 5.79
N VAL A 183 6.51 -24.78 6.55
CA VAL A 183 5.56 -23.81 5.99
C VAL A 183 5.82 -22.48 6.68
N LEU A 184 5.70 -21.40 5.93
CA LEU A 184 5.80 -20.02 6.36
C LEU A 184 4.54 -19.35 5.81
N ARG A 185 3.97 -18.43 6.59
CA ARG A 185 2.69 -17.82 6.24
C ARG A 185 2.66 -16.31 6.07
N PHE A 186 2.44 -15.89 4.82
CA PHE A 186 2.24 -14.51 4.40
C PHE A 186 0.79 -14.31 3.95
N GLY A 187 -0.17 -14.40 4.87
CA GLY A 187 -1.59 -14.24 4.60
C GLY A 187 -2.02 -15.26 3.56
N THR A 188 -2.72 -14.84 2.51
CA THR A 188 -3.14 -15.72 1.42
C THR A 188 -2.06 -16.67 0.91
N ASP A 189 -0.85 -16.16 0.67
CA ASP A 189 0.27 -16.94 0.14
C ASP A 189 0.92 -17.75 1.26
N LEU A 190 1.13 -19.02 0.95
CA LEU A 190 1.74 -19.94 1.92
C LEU A 190 2.97 -20.51 1.18
N LEU A 191 4.13 -20.29 1.82
CA LEU A 191 5.38 -20.78 1.22
C LEU A 191 5.63 -22.17 1.81
N TYR A 192 5.82 -23.17 0.94
CA TYR A 192 6.07 -24.50 1.51
C TYR A 192 7.42 -25.03 0.99
N LEU A 193 8.39 -25.16 1.90
CA LEU A 193 9.70 -25.64 1.45
C LEU A 193 9.74 -27.14 1.25
N VAL A 194 9.83 -27.68 0.01
CA VAL A 194 9.86 -29.15 -0.09
C VAL A 194 11.28 -29.59 0.21
N SER A 195 11.56 -30.38 1.25
CA SER A 195 12.95 -30.74 1.59
C SER A 195 12.99 -32.08 2.30
N ASP A 196 14.00 -32.40 3.12
CA ASP A 196 14.01 -33.64 3.89
C ASP A 196 12.91 -33.76 4.96
N SER A 197 12.14 -32.74 5.29
CA SER A 197 11.10 -32.94 6.32
C SER A 197 9.75 -32.47 5.77
N GLY A 198 9.47 -32.86 4.51
CA GLY A 198 8.21 -32.48 3.85
C GLY A 198 8.25 -32.62 2.31
N ASN A 199 7.43 -33.51 1.77
CA ASN A 199 7.36 -33.73 0.32
C ASN A 199 6.26 -32.96 -0.44
N GLU A 200 6.26 -33.19 -1.78
CA GLU A 200 5.36 -32.65 -2.77
C GLU A 200 3.92 -33.07 -2.46
N LEU A 201 3.75 -34.32 -2.10
CA LEU A 201 2.40 -34.79 -1.73
C LEU A 201 1.88 -34.06 -0.48
N GLY A 202 2.78 -33.76 0.46
CA GLY A 202 2.43 -32.98 1.65
C GLY A 202 1.86 -31.64 1.19
N ALA A 203 2.50 -30.95 0.23
CA ALA A 203 1.99 -29.64 -0.22
C ALA A 203 0.75 -29.84 -1.07
N LYS A 204 0.71 -30.96 -1.82
CA LYS A 204 -0.54 -31.27 -2.56
C LYS A 204 -1.66 -31.28 -1.48
N TRP A 205 -1.48 -32.12 -0.45
CA TRP A 205 -2.40 -32.25 0.68
C TRP A 205 -2.61 -30.92 1.37
N LEU A 206 -1.56 -30.17 1.71
CA LEU A 206 -1.73 -28.90 2.40
C LEU A 206 -2.76 -28.02 1.65
N GLN A 207 -2.60 -27.90 0.31
CA GLN A 207 -3.54 -27.13 -0.49
C GLN A 207 -5.01 -27.53 -0.34
N SER A 208 -5.33 -28.82 -0.39
CA SER A 208 -6.68 -29.31 -0.26
C SER A 208 -7.30 -29.01 1.12
N ALA A 209 -6.50 -29.06 2.19
CA ALA A 209 -6.96 -28.84 3.56
C ALA A 209 -7.32 -27.37 3.81
N VAL A 210 -6.59 -26.42 3.20
CA VAL A 210 -6.90 -25.02 3.43
C VAL A 210 -7.80 -24.43 2.35
N GLY A 211 -7.92 -24.99 1.15
CA GLY A 211 -8.82 -24.48 0.12
C GLY A 211 -8.32 -23.34 -0.74
N ASP A 212 -9.10 -22.99 -1.78
CA ASP A 212 -8.84 -22.01 -2.82
C ASP A 212 -8.44 -20.60 -2.42
N THR A 213 -8.81 -20.17 -1.20
CA THR A 213 -8.42 -18.83 -0.75
C THR A 213 -6.90 -18.71 -0.78
N TYR A 214 -6.22 -19.70 -0.19
CA TYR A 214 -4.78 -19.67 -0.12
C TYR A 214 -4.16 -20.34 -1.35
N THR A 215 -2.90 -19.96 -1.58
CA THR A 215 -2.13 -20.58 -2.68
C THR A 215 -0.81 -21.04 -2.05
N VAL A 216 -0.61 -22.35 -2.10
CA VAL A 216 0.60 -22.92 -1.50
C VAL A 216 1.71 -22.80 -2.56
N HIS A 217 2.83 -22.22 -2.16
CA HIS A 217 3.97 -22.11 -3.09
C HIS A 217 5.08 -23.06 -2.66
N PRO A 218 5.17 -24.22 -3.30
CA PRO A 218 6.21 -25.20 -2.98
C PRO A 218 7.54 -24.77 -3.59
N CYS A 219 8.61 -24.94 -2.82
CA CYS A 219 9.94 -24.53 -3.27
C CYS A 219 10.97 -25.65 -3.16
N ARG A 220 11.62 -26.00 -4.29
CA ARG A 220 12.62 -27.07 -4.20
C ARG A 220 14.02 -26.58 -4.57
N LYS A 221 14.21 -25.29 -4.79
CA LYS A 221 15.56 -24.82 -5.13
C LYS A 221 16.22 -24.15 -3.92
N LEU A 222 15.52 -23.73 -2.86
CA LEU A 222 16.28 -23.20 -1.70
C LEU A 222 17.08 -24.39 -1.17
N TYR A 223 18.14 -24.16 -0.42
CA TYR A 223 18.98 -25.25 0.03
C TYR A 223 18.76 -25.68 1.48
N ALA A 224 17.64 -25.28 2.08
CA ALA A 224 17.27 -25.79 3.43
C ALA A 224 17.10 -27.30 3.32
N SER A 225 17.70 -28.09 4.21
CA SER A 225 17.57 -29.53 4.15
C SER A 225 16.35 -29.97 4.96
N THR A 226 15.87 -29.08 5.84
CA THR A 226 14.77 -29.51 6.74
C THR A 226 13.71 -28.46 6.93
N HIS A 227 13.92 -27.36 7.66
CA HIS A 227 12.92 -26.36 7.92
C HIS A 227 13.28 -25.01 7.30
N VAL A 228 12.23 -24.27 6.90
CA VAL A 228 12.41 -22.97 6.24
C VAL A 228 12.66 -21.87 7.25
N ASP A 229 12.37 -22.12 8.54
CA ASP A 229 12.62 -21.34 9.71
C ASP A 229 13.82 -20.43 9.81
N SER A 230 15.02 -20.85 9.43
CA SER A 230 16.23 -20.06 9.54
C SER A 230 16.85 -19.78 8.17
N THR A 231 16.00 -19.74 7.14
CA THR A 231 16.43 -19.49 5.76
C THR A 231 15.67 -18.27 5.25
N ILE A 232 14.37 -18.23 5.46
CA ILE A 232 13.63 -17.04 4.98
C ILE A 232 12.92 -16.43 6.20
N VAL A 233 13.27 -15.22 6.62
CA VAL A 233 12.59 -14.63 7.78
C VAL A 233 11.85 -13.33 7.49
N PRO A 234 10.56 -13.36 7.14
CA PRO A 234 9.77 -12.17 6.94
C PRO A 234 9.78 -11.33 8.25
N LEU A 235 9.79 -10.01 8.18
CA LEU A 235 9.88 -9.15 9.37
C LEU A 235 8.72 -8.21 9.56
N ARG A 236 8.16 -7.77 8.44
CA ARG A 236 7.00 -6.89 8.27
C ARG A 236 6.73 -6.93 6.74
N PRO A 237 5.53 -6.57 6.34
CA PRO A 237 5.13 -6.62 4.92
C PRO A 237 6.10 -5.84 4.05
N GLY A 238 6.75 -6.45 3.06
CA GLY A 238 7.69 -5.75 2.19
C GLY A 238 9.13 -5.82 2.60
N LEU A 239 9.49 -6.52 3.68
CA LEU A 239 10.88 -6.64 4.13
C LEU A 239 11.17 -8.06 4.67
N VAL A 240 12.09 -8.75 3.96
CA VAL A 240 12.42 -10.11 4.39
C VAL A 240 13.93 -10.26 4.50
N LEU A 241 14.31 -10.98 5.56
CA LEU A 241 15.69 -11.29 5.93
C LEU A 241 16.03 -12.63 5.28
N THR A 242 17.08 -12.76 4.48
CA THR A 242 17.37 -14.06 3.87
C THR A 242 18.73 -14.60 4.32
N ASN A 243 18.88 -15.93 4.19
CA ASN A 243 20.15 -16.57 4.55
C ASN A 243 20.99 -16.64 3.26
N PRO A 244 22.07 -15.87 3.19
CA PRO A 244 22.94 -15.73 2.03
C PRO A 244 23.68 -16.95 1.51
N SER A 245 23.81 -17.97 2.39
CA SER A 245 24.47 -19.20 1.98
C SER A 245 23.43 -20.06 1.28
N ARG A 246 22.16 -19.77 1.54
CA ARG A 246 21.08 -20.55 0.95
C ARG A 246 20.30 -19.84 -0.18
N VAL A 247 19.65 -18.73 0.09
CA VAL A 247 18.82 -18.10 -0.94
C VAL A 247 19.61 -17.02 -1.69
N ASN A 248 19.29 -16.84 -2.99
CA ASN A 248 19.99 -15.83 -3.78
C ASN A 248 19.03 -15.19 -4.78
N ASP A 249 19.55 -14.68 -5.91
CA ASP A 249 18.65 -14.02 -6.87
C ASP A 249 17.98 -14.99 -7.82
N GLU A 250 18.57 -16.14 -8.07
CA GLU A 250 18.00 -17.16 -8.95
C GLU A 250 17.17 -18.17 -8.16
N ASN A 251 17.08 -17.92 -6.85
CA ASN A 251 16.42 -18.73 -5.85
C ASN A 251 15.04 -18.20 -5.48
N MET A 252 15.07 -16.99 -4.93
CA MET A 252 13.92 -16.29 -4.40
C MET A 252 12.58 -16.64 -5.02
N PRO A 253 11.62 -17.01 -4.17
CA PRO A 253 10.27 -17.28 -4.61
C PRO A 253 9.73 -16.10 -5.43
N ASP A 254 8.80 -16.37 -6.33
CA ASP A 254 8.28 -15.31 -7.18
C ASP A 254 7.45 -14.32 -6.42
N PHE A 255 6.53 -14.68 -5.51
CA PHE A 255 5.73 -13.64 -4.84
C PHE A 255 6.51 -12.80 -3.85
N LEU A 256 7.77 -13.10 -3.60
CA LEU A 256 8.64 -12.41 -2.67
C LEU A 256 9.59 -11.47 -3.41
N ARG A 257 9.74 -11.64 -4.75
CA ARG A 257 10.60 -10.81 -5.59
C ARG A 257 10.33 -9.32 -5.54
N SER A 258 9.20 -8.82 -5.06
CA SER A 258 8.90 -7.42 -4.93
C SER A 258 9.31 -6.91 -3.54
N TRP A 259 9.24 -7.72 -2.46
CA TRP A 259 9.66 -7.30 -1.11
C TRP A 259 11.14 -6.93 -1.17
N GLU A 260 11.54 -5.93 -0.40
CA GLU A 260 12.96 -5.56 -0.28
C GLU A 260 13.63 -6.64 0.60
N ASN A 261 14.79 -7.10 0.17
CA ASN A 261 15.48 -8.18 0.87
C ASN A 261 16.75 -7.75 1.59
N ILE A 262 16.89 -8.03 2.91
CA ILE A 262 18.16 -7.70 3.59
C ILE A 262 18.91 -9.00 3.92
N THR A 263 20.16 -9.06 3.50
CA THR A 263 21.03 -10.21 3.69
C THR A 263 21.54 -10.24 5.14
N CYS A 264 21.47 -11.42 5.76
CA CYS A 264 21.95 -11.64 7.12
C CYS A 264 23.48 -11.54 7.15
N PRO A 265 23.98 -10.86 8.20
CA PRO A 265 25.42 -10.79 8.42
C PRO A 265 25.87 -12.19 8.81
N GLU A 266 27.17 -12.47 8.84
CA GLU A 266 27.58 -13.84 9.24
C GLU A 266 27.47 -13.81 10.78
N LEU A 267 26.87 -14.87 11.32
CA LEU A 267 26.56 -14.91 12.77
C LEU A 267 27.73 -15.25 13.69
N VAL A 268 27.49 -15.11 15.01
CA VAL A 268 28.45 -15.50 16.04
C VAL A 268 28.20 -17.02 16.24
N ASP A 269 29.24 -17.80 16.41
CA ASP A 269 28.99 -19.21 16.69
C ASP A 269 28.72 -19.45 18.19
N ILE A 270 27.48 -19.41 18.65
CA ILE A 270 27.24 -19.82 20.08
C ILE A 270 27.72 -21.27 20.15
N GLY A 271 28.13 -21.89 21.26
CA GLY A 271 28.63 -23.24 21.17
C GLY A 271 27.65 -24.37 20.96
N PHE A 272 28.16 -25.61 21.10
CA PHE A 272 27.33 -26.82 21.07
C PHE A 272 27.99 -27.77 22.10
N THR A 273 27.18 -28.52 22.80
CA THR A 273 27.58 -29.50 23.82
C THR A 273 27.31 -30.86 23.21
N GLY A 274 28.31 -31.68 22.89
CA GLY A 274 28.00 -32.97 22.24
C GLY A 274 29.24 -33.57 21.63
N ASP A 275 29.24 -33.87 20.36
CA ASP A 275 30.28 -34.52 19.60
C ASP A 275 30.42 -33.80 18.24
N LYS A 276 29.20 -33.55 17.78
CA LYS A 276 28.76 -32.97 16.53
C LYS A 276 27.56 -32.11 16.91
N PRO A 277 27.50 -30.89 16.41
CA PRO A 277 26.40 -29.99 16.67
C PRO A 277 25.10 -30.49 16.08
N HIS A 278 23.97 -30.13 16.66
CA HIS A 278 22.69 -30.63 16.11
C HIS A 278 22.11 -29.62 15.11
N CYS A 279 22.45 -28.36 15.20
CA CYS A 279 21.98 -27.35 14.26
C CYS A 279 23.11 -26.47 13.74
N SER A 280 22.90 -26.01 12.50
CA SER A 280 23.85 -25.12 11.82
C SER A 280 23.91 -23.83 12.60
N VAL A 281 24.96 -23.03 12.48
CA VAL A 281 25.11 -21.78 13.16
C VAL A 281 23.99 -20.82 12.85
N TRP A 282 23.30 -21.04 11.74
CA TRP A 282 22.14 -20.31 11.27
C TRP A 282 20.90 -20.41 12.16
N ILE A 283 20.92 -21.07 13.36
CA ILE A 283 19.78 -20.95 14.26
C ILE A 283 19.92 -19.54 14.87
N GLY A 284 21.07 -18.90 14.78
CA GLY A 284 21.23 -17.50 15.15
C GLY A 284 20.15 -16.63 14.51
N MET A 285 19.71 -16.97 13.30
CA MET A 285 18.65 -16.35 12.55
C MET A 285 17.26 -16.80 12.98
N ASN A 286 17.07 -17.82 13.82
CA ASN A 286 15.72 -18.24 14.24
C ASN A 286 14.98 -17.26 15.17
N LEU A 287 14.81 -16.01 14.69
CA LEU A 287 14.17 -14.97 15.49
C LEU A 287 12.64 -15.02 15.42
N LEU A 288 11.99 -14.38 16.39
CA LEU A 288 10.55 -14.40 16.50
C LEU A 288 10.05 -12.97 16.51
N VAL A 289 9.30 -12.56 15.49
CA VAL A 289 8.79 -11.20 15.35
C VAL A 289 7.54 -11.06 16.22
N VAL A 290 7.52 -10.15 17.18
CA VAL A 290 6.41 -9.98 18.13
C VAL A 290 5.33 -9.07 17.59
N ARG A 291 5.78 -8.03 16.88
CA ARG A 291 4.93 -7.07 16.15
C ARG A 291 5.84 -6.50 15.03
N PRO A 292 5.32 -5.84 14.00
CA PRO A 292 6.11 -5.30 12.90
C PRO A 292 7.35 -4.50 13.25
N ASP A 293 7.50 -3.97 14.46
CA ASP A 293 8.62 -3.18 14.89
C ASP A 293 9.37 -3.78 16.09
N LEU A 294 8.97 -4.97 16.53
CA LEU A 294 9.57 -5.69 17.66
C LEU A 294 9.85 -7.14 17.33
N ALA A 295 11.07 -7.62 17.50
CA ALA A 295 11.47 -9.00 17.24
C ALA A 295 12.39 -9.54 18.34
N VAL A 296 12.36 -10.82 18.69
CA VAL A 296 13.31 -11.25 19.75
C VAL A 296 14.46 -11.98 19.07
N VAL A 297 15.65 -11.53 19.33
CA VAL A 297 16.92 -12.03 18.79
C VAL A 297 17.88 -12.44 19.92
N ASP A 298 18.67 -13.48 19.75
CA ASP A 298 19.65 -13.81 20.78
C ASP A 298 20.61 -12.63 20.90
N ARG A 299 20.86 -12.17 22.14
CA ARG A 299 21.73 -11.03 22.40
C ARG A 299 23.20 -11.19 22.06
N ARG A 300 23.65 -12.29 21.49
CA ARG A 300 25.07 -12.43 21.17
C ARG A 300 25.22 -12.13 19.66
N GLN A 301 24.08 -12.07 18.98
CA GLN A 301 24.08 -11.73 17.52
C GLN A 301 24.01 -10.21 17.30
N THR A 302 25.06 -9.54 17.78
CA THR A 302 25.24 -8.10 17.75
C THR A 302 25.32 -7.57 16.31
N ALA A 303 25.95 -8.24 15.35
CA ALA A 303 25.87 -7.83 13.92
C ALA A 303 24.39 -7.77 13.50
N LEU A 304 23.67 -8.88 13.69
CA LEU A 304 22.26 -9.01 13.35
C LEU A 304 21.36 -8.00 14.05
N ILE A 305 21.58 -7.77 15.36
CA ILE A 305 20.72 -6.78 16.04
C ILE A 305 20.94 -5.40 15.41
N ARG A 306 22.21 -5.01 15.22
CA ARG A 306 22.54 -3.75 14.57
C ARG A 306 21.75 -3.62 13.26
N LEU A 307 22.03 -4.47 12.26
CA LEU A 307 21.31 -4.43 10.98
C LEU A 307 19.80 -4.25 11.16
N LEU A 308 19.16 -5.12 11.97
CA LEU A 308 17.72 -5.04 12.16
C LEU A 308 17.33 -3.64 12.58
N GLU A 309 18.06 -3.07 13.54
CA GLU A 309 17.79 -1.70 14.01
C GLU A 309 18.00 -0.73 12.85
N LYS A 310 19.01 -0.90 11.99
CA LYS A 310 19.21 -0.04 10.80
C LYS A 310 17.96 0.06 9.93
N HIS A 311 17.17 -0.99 9.83
CA HIS A 311 15.92 -1.01 9.10
C HIS A 311 14.70 -0.77 9.98
N GLY A 312 14.84 -0.04 11.10
CA GLY A 312 13.72 0.36 11.95
C GLY A 312 12.87 -0.80 12.43
N MET A 313 13.60 -1.75 13.02
CA MET A 313 13.04 -2.95 13.67
C MET A 313 13.60 -2.99 15.11
N ASN A 314 12.81 -2.73 16.15
CA ASN A 314 13.36 -2.73 17.52
C ASN A 314 13.47 -4.16 18.08
N VAL A 315 14.62 -4.51 18.69
CA VAL A 315 14.84 -5.86 19.19
C VAL A 315 14.82 -5.94 20.74
N LEU A 316 14.50 -7.14 21.23
CA LEU A 316 14.44 -7.43 22.70
C LEU A 316 15.33 -8.67 22.80
N PRO A 317 16.58 -8.44 23.17
CA PRO A 317 17.60 -9.48 23.09
C PRO A 317 17.68 -10.36 24.33
N LEU A 318 17.11 -11.55 24.19
CA LEU A 318 17.15 -12.56 25.28
C LEU A 318 18.21 -13.56 24.84
N GLN A 319 18.40 -14.68 25.55
CA GLN A 319 19.43 -15.63 25.11
C GLN A 319 18.99 -17.07 25.31
N LEU A 320 19.22 -17.87 24.25
CA LEU A 320 18.97 -19.30 24.33
C LEU A 320 20.35 -19.92 24.09
N THR A 321 20.97 -20.28 25.23
CA THR A 321 22.29 -20.91 25.23
C THR A 321 22.37 -22.20 24.43
N HIS A 322 21.56 -23.22 24.72
CA HIS A 322 21.70 -24.48 24.00
C HIS A 322 20.96 -24.62 22.68
N SER A 323 20.85 -23.58 21.86
CA SER A 323 20.12 -23.61 20.58
C SER A 323 20.72 -24.57 19.54
N ARG A 324 22.05 -24.61 19.44
CA ARG A 324 22.64 -25.56 18.49
C ARG A 324 22.56 -26.95 19.10
N THR A 325 22.29 -27.15 20.39
CA THR A 325 22.21 -28.51 20.91
C THR A 325 20.81 -29.08 20.73
N LEU A 326 19.78 -28.37 21.15
CA LEU A 326 18.42 -28.89 21.01
C LEU A 326 17.82 -28.56 19.63
N GLY A 327 18.44 -27.61 18.94
CA GLY A 327 18.02 -27.19 17.59
C GLY A 327 16.72 -26.40 17.67
N GLY A 328 16.77 -25.20 18.23
CA GLY A 328 15.56 -24.37 18.32
C GLY A 328 16.00 -22.95 18.72
N GLY A 329 15.48 -21.97 17.98
CA GLY A 329 15.77 -20.58 18.25
C GLY A 329 14.43 -20.08 18.81
N PHE A 330 14.26 -18.77 18.88
CA PHE A 330 12.99 -18.23 19.42
C PHE A 330 11.79 -18.68 18.59
N HIS A 331 11.91 -18.68 17.24
CA HIS A 331 10.80 -19.14 16.41
C HIS A 331 10.51 -20.62 16.57
N CYS A 332 11.53 -21.47 16.45
CA CYS A 332 11.32 -22.90 16.64
C CYS A 332 10.66 -23.18 18.01
N ALA A 333 11.11 -22.57 19.09
CA ALA A 333 10.61 -22.74 20.46
C ALA A 333 9.34 -22.00 20.86
N THR A 334 8.51 -21.54 19.94
CA THR A 334 7.25 -20.87 20.19
C THR A 334 6.22 -21.26 19.09
N LEU A 335 4.94 -21.03 19.40
CA LEU A 335 3.86 -21.27 18.44
C LEU A 335 2.80 -20.19 18.60
N ASP A 336 2.68 -19.24 17.64
CA ASP A 336 1.72 -18.13 17.80
C ASP A 336 0.32 -18.54 17.39
N VAL A 337 -0.61 -18.47 18.37
CA VAL A 337 -1.98 -18.94 18.10
C VAL A 337 -2.88 -17.74 17.77
N ARG A 338 -2.39 -16.52 18.00
CA ARG A 338 -3.21 -15.35 17.66
C ARG A 338 -2.44 -14.04 17.58
N ARG A 339 -2.55 -13.38 16.42
CA ARG A 339 -1.91 -12.08 16.26
C ARG A 339 -3.06 -11.11 15.90
N THR A 340 -3.07 -9.91 16.45
CA THR A 340 -4.14 -8.97 16.11
C THR A 340 -4.03 -8.66 14.58
N GLY A 341 -5.14 -8.66 13.84
CA GLY A 341 -5.02 -8.35 12.39
C GLY A 341 -5.99 -9.08 11.45
N ALA A 342 -5.80 -8.86 10.12
CA ALA A 342 -6.67 -9.48 9.12
C ALA A 342 -5.97 -10.20 7.96
N LEU A 343 -6.77 -10.89 7.14
CA LEU A 343 -6.25 -11.67 6.00
C LEU A 343 -6.07 -10.83 4.72
N GLU A 344 -4.85 -10.75 4.18
CA GLU A 344 -4.53 -9.94 2.99
C GLU A 344 -3.55 -10.60 2.01
N THR A 345 -3.17 -9.86 0.93
CA THR A 345 -2.20 -10.37 -0.06
C THR A 345 -1.05 -9.41 -0.29
N TYR A 346 0.17 -9.72 0.18
CA TYR A 346 1.29 -8.79 0.02
C TYR A 346 2.09 -8.85 -1.29
N GLN A 347 1.50 -8.82 -2.51
CA GLN A 347 2.43 -8.91 -3.73
C GLN A 347 2.65 -7.49 -4.27
N PHE A 348 3.85 -6.92 -4.25
CA PHE A 348 3.82 -5.48 -4.60
C PHE A 348 4.28 -5.15 -6.05
N ARG B 1 -12.87 15.92 -39.45
CA ARG B 1 -11.78 16.69 -38.77
C ARG B 1 -12.39 17.45 -37.57
N SER B 2 -12.46 16.77 -36.42
CA SER B 2 -13.03 17.35 -35.19
C SER B 2 -12.32 18.64 -34.82
N LEU B 3 -13.07 19.56 -34.19
CA LEU B 3 -12.48 20.82 -33.77
C LEU B 3 -11.80 20.67 -32.41
N VAL B 4 -12.14 19.60 -31.68
CA VAL B 4 -11.59 19.31 -30.35
C VAL B 4 -10.46 18.31 -30.48
N SER B 5 -9.20 18.73 -30.54
CA SER B 5 -8.09 17.78 -30.55
C SER B 5 -7.01 18.31 -29.61
N VAL B 6 -6.74 17.69 -28.46
CA VAL B 6 -5.80 18.28 -27.51
C VAL B 6 -5.34 17.23 -26.50
N HIS B 7 -4.02 17.05 -26.38
CA HIS B 7 -3.45 15.99 -25.58
C HIS B 7 -2.70 16.42 -24.32
N ASN B 8 -2.43 17.71 -24.19
CA ASN B 8 -1.65 18.14 -23.02
C ASN B 8 -1.83 19.63 -22.78
N GLU B 9 -1.19 20.05 -21.69
CA GLU B 9 -1.19 21.42 -21.22
C GLU B 9 -0.33 22.44 -21.95
N TRP B 10 0.62 22.06 -22.80
CA TRP B 10 1.60 22.98 -23.38
C TRP B 10 1.77 23.06 -24.89
N ASP B 11 1.35 22.10 -25.69
CA ASP B 11 1.48 22.21 -27.17
C ASP B 11 0.85 23.50 -27.69
N PRO B 12 1.16 23.84 -28.97
CA PRO B 12 0.77 25.09 -29.59
C PRO B 12 -0.73 25.28 -29.67
N LEU B 13 -1.25 26.17 -28.84
CA LEU B 13 -2.68 26.51 -28.78
C LEU B 13 -3.29 27.03 -30.08
N GLU B 14 -4.29 26.33 -30.61
CA GLU B 14 -5.03 26.72 -31.81
C GLU B 14 -6.39 27.37 -31.53
N GLU B 15 -7.15 26.86 -30.55
CA GLU B 15 -8.45 27.39 -30.19
C GLU B 15 -8.67 27.22 -28.66
N VAL B 16 -9.08 28.29 -27.99
CA VAL B 16 -9.38 28.36 -26.57
C VAL B 16 -10.77 28.98 -26.36
N ILE B 17 -11.26 28.83 -25.12
CA ILE B 17 -12.52 29.41 -24.65
C ILE B 17 -12.08 30.36 -23.51
N VAL B 18 -12.52 31.62 -23.48
CA VAL B 18 -12.04 32.50 -22.38
C VAL B 18 -13.02 32.71 -21.23
N GLY B 19 -14.23 33.22 -21.36
CA GLY B 19 -15.08 33.27 -20.12
C GLY B 19 -15.21 34.65 -19.57
N THR B 20 -16.39 35.05 -19.12
CA THR B 20 -16.71 36.35 -18.61
C THR B 20 -16.77 36.47 -17.07
N ALA B 21 -17.05 37.70 -16.64
CA ALA B 21 -17.29 38.04 -15.23
C ALA B 21 -18.72 38.59 -15.09
N VAL B 22 -19.45 38.64 -16.22
CA VAL B 22 -20.75 39.29 -16.32
C VAL B 22 -21.74 39.08 -15.18
N GLY B 23 -22.17 37.94 -14.66
CA GLY B 23 -23.12 38.05 -13.50
C GLY B 23 -22.52 37.33 -12.28
N ALA B 24 -21.20 37.35 -12.16
CA ALA B 24 -20.55 36.55 -11.12
C ALA B 24 -21.19 36.73 -9.73
N ARG B 25 -21.43 35.62 -8.99
CA ARG B 25 -21.98 35.73 -7.63
C ARG B 25 -21.50 34.65 -6.65
N VAL B 26 -21.87 34.89 -5.38
CA VAL B 26 -21.67 33.95 -4.28
C VAL B 26 -23.08 33.38 -4.02
N PRO B 27 -23.19 32.07 -4.17
CA PRO B 27 -24.47 31.41 -4.05
C PRO B 27 -25.03 31.58 -2.62
N THR B 28 -26.28 31.18 -2.49
CA THR B 28 -26.98 31.19 -1.19
C THR B 28 -26.21 30.24 -0.26
N ALA B 29 -26.22 30.49 1.05
CA ALA B 29 -25.50 29.71 2.06
C ALA B 29 -25.95 28.26 1.99
N ASP B 30 -25.04 27.30 2.13
CA ASP B 30 -25.46 25.91 1.91
C ASP B 30 -24.36 24.90 2.21
N ARG B 31 -24.73 23.77 2.85
CA ARG B 31 -23.75 22.74 3.18
C ARG B 31 -22.61 22.62 2.16
N SER B 32 -22.84 22.27 0.89
CA SER B 32 -21.81 22.06 -0.12
C SER B 32 -20.92 23.26 -0.36
N VAL B 33 -21.44 24.47 -0.58
CA VAL B 33 -20.56 25.61 -0.82
C VAL B 33 -19.73 25.84 0.45
N PHE B 34 -20.40 25.65 1.63
CA PHE B 34 -19.72 25.77 2.93
C PHE B 34 -18.59 24.74 3.02
N ALA B 35 -18.94 23.48 2.95
CA ALA B 35 -17.94 22.40 3.02
C ALA B 35 -16.86 22.55 1.95
N VAL B 36 -17.14 22.78 0.65
CA VAL B 36 -16.04 22.81 -0.32
C VAL B 36 -15.31 24.14 -0.46
N GLU B 37 -15.94 25.25 -0.15
CA GLU B 37 -15.29 26.54 -0.37
C GLU B 37 -15.08 27.42 0.85
N TYR B 38 -16.03 27.61 1.77
CA TYR B 38 -15.85 28.55 2.87
C TYR B 38 -15.70 28.03 4.30
N ALA B 39 -15.74 26.73 4.54
CA ALA B 39 -15.61 26.20 5.92
C ALA B 39 -14.17 26.13 6.41
N GLY B 40 -13.48 27.26 6.38
CA GLY B 40 -12.09 27.33 6.84
C GLY B 40 -11.85 28.80 7.24
N ASP B 41 -12.83 29.62 6.83
CA ASP B 41 -12.78 31.04 7.14
C ASP B 41 -14.04 31.39 7.95
N TYR B 42 -15.18 30.74 7.68
CA TYR B 42 -16.36 31.12 8.47
C TYR B 42 -16.78 30.07 9.50
N GLU B 43 -17.44 30.54 10.57
CA GLU B 43 -17.87 29.70 11.69
C GLU B 43 -19.00 28.75 11.29
N SER B 44 -19.91 29.26 10.46
CA SER B 44 -21.02 28.45 9.98
C SER B 44 -21.51 29.01 8.63
N GLN B 45 -22.10 28.13 7.83
CA GLN B 45 -22.58 28.42 6.47
C GLN B 45 -23.44 29.66 6.37
N GLU B 46 -24.13 30.03 7.47
CA GLU B 46 -24.93 31.23 7.54
C GLU B 46 -24.08 32.49 7.53
N GLN B 47 -22.76 32.47 7.68
CA GLN B 47 -21.90 33.63 7.56
C GLN B 47 -21.27 33.88 6.16
N ILE B 48 -21.35 32.92 5.25
CA ILE B 48 -20.83 33.03 3.87
C ILE B 48 -21.43 34.29 3.27
N PRO B 49 -20.64 35.12 2.62
CA PRO B 49 -21.12 36.34 1.99
C PRO B 49 -21.86 36.13 0.67
N SER B 50 -22.99 35.43 0.68
CA SER B 50 -23.77 35.25 -0.55
C SER B 50 -24.00 36.57 -1.28
N GLY B 51 -24.27 36.55 -2.60
CA GLY B 51 -24.49 37.80 -3.33
C GLY B 51 -23.61 38.04 -4.55
N ALA B 52 -23.97 39.06 -5.35
CA ALA B 52 -23.19 39.39 -6.56
C ALA B 52 -21.93 40.16 -6.25
N TYR B 53 -20.82 39.83 -6.91
CA TYR B 53 -19.60 40.60 -6.69
C TYR B 53 -19.84 42.06 -7.05
N PRO B 54 -19.12 42.97 -6.39
CA PRO B 54 -19.22 44.37 -6.66
C PRO B 54 -18.92 44.68 -8.15
N ASP B 55 -19.69 45.56 -8.78
CA ASP B 55 -19.55 45.93 -10.21
C ASP B 55 -18.14 46.30 -10.63
N ARG B 56 -17.44 47.03 -9.77
CA ARG B 56 -16.06 47.41 -10.02
C ARG B 56 -15.25 46.15 -10.36
N VAL B 57 -15.36 45.06 -9.59
CA VAL B 57 -14.56 43.90 -9.92
C VAL B 57 -15.02 43.27 -11.25
N LEU B 58 -16.34 43.15 -11.45
CA LEU B 58 -16.75 42.55 -12.74
C LEU B 58 -16.34 43.46 -13.92
N LYS B 59 -16.55 44.77 -13.84
CA LYS B 59 -16.15 45.66 -14.94
C LYS B 59 -14.69 45.50 -15.31
N GLU B 60 -13.80 45.81 -14.34
CA GLU B 60 -12.35 45.74 -14.50
C GLU B 60 -11.89 44.36 -14.95
N THR B 61 -12.36 43.23 -14.41
CA THR B 61 -11.84 41.97 -14.92
C THR B 61 -12.43 41.67 -16.30
N GLU B 62 -13.63 42.16 -16.64
CA GLU B 62 -14.15 41.95 -18.00
C GLU B 62 -13.27 42.67 -19.04
N GLU B 63 -12.72 43.86 -18.71
CA GLU B 63 -11.85 44.52 -19.72
C GLU B 63 -10.50 43.79 -19.77
N GLU B 64 -10.02 43.33 -18.60
CA GLU B 64 -8.79 42.54 -18.57
C GLU B 64 -9.01 41.30 -19.43
N LEU B 65 -10.19 40.72 -19.24
CA LEU B 65 -10.59 39.55 -20.02
C LEU B 65 -10.60 39.81 -21.54
N HIS B 66 -11.05 40.99 -21.98
CA HIS B 66 -11.07 41.42 -23.40
C HIS B 66 -9.64 41.49 -23.99
N VAL B 67 -8.70 41.96 -23.15
CA VAL B 67 -7.30 42.03 -23.56
C VAL B 67 -6.71 40.65 -23.77
N LEU B 68 -7.05 39.71 -22.86
CA LEU B 68 -6.52 38.35 -23.00
C LEU B 68 -6.93 37.79 -24.38
N ALA B 69 -8.24 37.81 -24.67
CA ALA B 69 -8.80 37.34 -25.93
C ALA B 69 -8.16 38.01 -27.17
N ALA B 70 -7.94 39.31 -27.01
CA ALA B 70 -7.34 40.14 -28.08
C ALA B 70 -5.93 39.68 -28.44
N GLU B 71 -5.10 39.54 -27.42
CA GLU B 71 -3.73 39.10 -27.62
C GLU B 71 -3.62 37.67 -28.13
N LEU B 72 -4.47 36.76 -27.65
CA LEU B 72 -4.41 35.39 -28.13
C LEU B 72 -4.80 35.36 -29.62
N THR B 73 -5.77 36.20 -30.01
CA THR B 73 -6.19 36.35 -31.41
C THR B 73 -4.98 36.83 -32.22
N LYS B 74 -4.29 37.85 -31.71
CA LYS B 74 -3.06 38.34 -32.35
C LYS B 74 -2.05 37.22 -32.57
N LEU B 75 -1.92 36.30 -31.63
CA LEU B 75 -1.04 35.16 -31.69
C LEU B 75 -1.54 34.09 -32.67
N GLY B 76 -2.75 34.23 -33.20
CA GLY B 76 -3.28 33.31 -34.19
C GLY B 76 -4.23 32.27 -33.63
N VAL B 77 -4.58 32.36 -32.34
CA VAL B 77 -5.46 31.40 -31.67
C VAL B 77 -6.93 31.71 -31.91
N THR B 78 -7.79 30.71 -32.03
CA THR B 78 -9.22 31.01 -32.23
C THR B 78 -9.94 31.17 -30.87
N VAL B 79 -10.35 32.38 -30.50
CA VAL B 79 -11.00 32.57 -29.20
C VAL B 79 -12.52 32.47 -29.24
N ARG B 80 -13.08 31.62 -28.36
CA ARG B 80 -14.52 31.48 -28.26
C ARG B 80 -14.90 31.94 -26.82
N ARG B 81 -16.05 32.55 -26.63
CA ARG B 81 -16.51 32.96 -25.30
C ARG B 81 -17.85 32.28 -24.96
N PRO B 82 -18.18 32.17 -23.66
CA PRO B 82 -19.38 31.52 -23.17
C PRO B 82 -20.64 32.16 -23.72
N GLY B 83 -21.76 31.44 -23.62
CA GLY B 83 -23.05 32.02 -24.03
C GLY B 83 -23.58 32.81 -22.80
N PRO B 84 -24.69 33.50 -22.96
CA PRO B 84 -25.31 34.25 -21.88
C PRO B 84 -26.09 33.29 -20.96
N ARG B 85 -26.11 33.58 -19.65
CA ARG B 85 -26.80 32.73 -18.68
C ARG B 85 -27.17 33.56 -17.41
N ASP B 86 -28.37 33.35 -16.84
CA ASP B 86 -28.65 34.11 -15.59
C ASP B 86 -28.07 33.25 -14.45
N HIS B 87 -27.22 33.77 -13.58
CA HIS B 87 -26.67 32.95 -12.49
C HIS B 87 -27.49 33.05 -11.19
N SER B 88 -28.52 33.88 -11.22
CA SER B 88 -29.37 34.07 -10.03
C SER B 88 -30.64 33.27 -10.20
N ALA B 89 -30.84 32.78 -11.44
CA ALA B 89 -32.00 31.94 -11.73
C ALA B 89 -31.84 30.70 -10.84
N LEU B 90 -32.89 30.31 -10.12
CA LEU B 90 -32.80 29.15 -9.22
C LEU B 90 -32.68 27.83 -9.94
N ILE B 91 -31.94 26.91 -9.35
CA ILE B 91 -31.86 25.55 -9.90
C ILE B 91 -32.39 24.71 -8.72
N LYS B 92 -33.27 23.76 -9.00
CA LYS B 92 -33.92 23.00 -7.92
C LYS B 92 -34.21 21.57 -8.30
N THR B 93 -33.67 20.65 -7.53
CA THR B 93 -33.89 19.21 -7.68
C THR B 93 -34.76 18.79 -6.47
N PRO B 94 -35.22 17.56 -6.43
CA PRO B 94 -36.03 17.03 -5.33
C PRO B 94 -35.27 17.12 -4.02
N ASP B 95 -33.96 16.93 -3.98
CA ASP B 95 -33.18 17.04 -2.76
C ASP B 95 -32.78 18.43 -2.31
N TRP B 96 -32.50 19.42 -3.17
CA TRP B 96 -32.05 20.73 -2.68
C TRP B 96 -32.41 21.86 -3.65
N GLU B 97 -31.99 23.07 -3.31
CA GLU B 97 -32.28 24.28 -4.09
C GLU B 97 -31.15 25.32 -3.98
N THR B 98 -30.85 26.08 -5.05
CA THR B 98 -29.81 27.06 -5.04
C THR B 98 -29.94 27.99 -6.27
N ASP B 99 -28.97 28.91 -6.31
CA ASP B 99 -28.72 29.84 -7.42
C ASP B 99 -27.37 29.42 -8.04
N GLY B 100 -26.94 30.06 -9.12
CA GLY B 100 -25.72 29.65 -9.81
C GLY B 100 -24.47 30.35 -9.36
N PHE B 101 -23.34 30.07 -10.00
CA PHE B 101 -22.05 30.63 -9.63
C PHE B 101 -21.62 31.81 -10.50
N HIS B 102 -20.87 31.47 -11.56
CA HIS B 102 -20.37 32.41 -12.56
C HIS B 102 -19.82 31.59 -13.74
N ASP B 103 -19.51 32.28 -14.85
CA ASP B 103 -18.94 31.62 -16.05
C ASP B 103 -17.56 32.22 -16.37
N TYR B 104 -16.79 32.40 -15.28
CA TYR B 104 -15.47 33.00 -15.34
C TYR B 104 -14.36 31.96 -15.40
N CYS B 105 -14.69 30.71 -15.02
CA CYS B 105 -13.69 29.65 -15.04
C CYS B 105 -14.15 28.43 -15.81
N PRO B 106 -14.07 28.46 -17.15
CA PRO B 106 -14.46 27.35 -18.01
C PRO B 106 -13.69 26.07 -17.77
N ARG B 107 -12.48 26.15 -17.22
CA ARG B 107 -11.63 25.03 -16.88
C ARG B 107 -12.25 23.97 -15.93
N ASP B 108 -12.93 24.44 -14.89
CA ASP B 108 -13.53 23.73 -13.79
C ASP B 108 -14.44 22.54 -14.00
N GLY B 109 -15.28 22.46 -15.04
CA GLY B 109 -16.21 21.34 -15.11
C GLY B 109 -16.45 20.84 -16.54
N LEU B 110 -15.50 21.11 -17.42
CA LEU B 110 -15.48 20.75 -18.84
C LEU B 110 -14.07 20.19 -19.08
N LEU B 111 -13.92 18.93 -19.41
CA LEU B 111 -12.62 18.28 -19.58
C LEU B 111 -12.45 17.75 -21.01
N SER B 112 -11.44 18.23 -21.72
CA SER B 112 -11.10 17.81 -23.11
C SER B 112 -9.89 16.88 -23.13
N VAL B 113 -10.08 15.58 -23.38
CA VAL B 113 -8.95 14.66 -23.31
C VAL B 113 -8.42 14.24 -24.69
N GLY B 114 -9.19 14.31 -25.79
CA GLY B 114 -8.54 13.93 -27.10
C GLY B 114 -9.39 14.58 -28.20
N GLN B 115 -10.40 13.84 -28.63
CA GLN B 115 -11.42 14.36 -29.54
C GLN B 115 -12.71 14.43 -28.70
N THR B 116 -12.60 14.07 -27.41
CA THR B 116 -13.73 14.05 -26.49
C THR B 116 -13.80 15.21 -25.49
N ILE B 117 -15.01 15.62 -25.16
CA ILE B 117 -15.30 16.62 -24.14
C ILE B 117 -16.15 15.88 -23.06
N ILE B 118 -15.76 15.94 -21.78
CA ILE B 118 -16.52 15.33 -20.69
C ILE B 118 -17.09 16.38 -19.73
N GLU B 119 -18.41 16.46 -19.58
CA GLU B 119 -19.00 17.36 -18.57
C GLU B 119 -18.84 16.61 -17.23
N THR B 120 -17.94 17.06 -16.37
CA THR B 120 -17.64 16.37 -15.09
C THR B 120 -18.77 16.59 -14.08
N PRO B 121 -18.87 15.78 -13.04
CA PRO B 121 -19.86 15.90 -11.97
C PRO B 121 -19.37 16.74 -10.78
N MET B 122 -19.44 18.04 -10.96
CA MET B 122 -19.05 19.11 -10.07
C MET B 122 -19.53 18.95 -8.62
N ALA B 123 -18.68 19.34 -7.65
CA ALA B 123 -18.92 19.21 -6.21
C ALA B 123 -19.93 20.18 -5.61
N LEU B 124 -20.10 21.31 -6.28
CA LEU B 124 -21.01 22.37 -5.80
C LEU B 124 -22.40 22.32 -6.43
N ARG B 125 -23.49 22.28 -5.64
CA ARG B 125 -24.83 22.28 -6.21
C ARG B 125 -25.11 23.43 -7.19
N SER B 126 -24.57 24.62 -6.97
CA SER B 126 -24.69 25.80 -7.81
C SER B 126 -24.15 25.58 -9.23
N ARG B 127 -23.23 24.63 -9.39
CA ARG B 127 -22.61 24.34 -10.71
C ARG B 127 -23.21 23.07 -11.30
N PHE B 128 -24.40 22.70 -10.80
CA PHE B 128 -25.14 21.52 -11.24
C PHE B 128 -25.38 21.52 -12.77
N LEU B 129 -25.66 22.69 -13.36
CA LEU B 129 -25.89 22.82 -14.81
C LEU B 129 -24.88 23.79 -15.45
N GLU B 130 -23.62 23.61 -15.04
CA GLU B 130 -22.45 24.34 -15.47
C GLU B 130 -22.31 24.55 -16.98
N SER B 131 -22.54 23.50 -17.74
CA SER B 131 -22.38 23.49 -19.20
C SER B 131 -23.50 24.16 -19.95
N LEU B 132 -24.55 24.65 -19.31
CA LEU B 132 -25.66 25.30 -19.96
C LEU B 132 -25.23 26.53 -20.74
N ALA B 133 -24.30 27.30 -20.18
CA ALA B 133 -23.80 28.46 -20.91
C ALA B 133 -23.05 28.08 -22.20
N TYR B 134 -22.61 26.86 -22.40
CA TYR B 134 -21.79 26.45 -23.53
C TYR B 134 -22.53 25.50 -24.47
N LYS B 135 -23.86 25.40 -24.34
CA LYS B 135 -24.57 24.45 -25.23
C LYS B 135 -24.23 24.70 -26.72
N ASP B 136 -24.34 25.94 -27.24
CA ASP B 136 -24.03 26.18 -28.66
C ASP B 136 -22.60 25.84 -29.05
N LEU B 137 -21.55 26.23 -28.30
CA LEU B 137 -20.21 25.81 -28.70
C LEU B 137 -20.19 24.30 -28.82
N LEU B 138 -20.55 23.60 -27.72
CA LEU B 138 -20.49 22.15 -27.69
C LEU B 138 -21.17 21.50 -28.91
N LEU B 139 -22.34 22.00 -29.23
CA LEU B 139 -23.15 21.53 -30.35
C LEU B 139 -22.37 21.59 -31.66
N GLU B 140 -21.63 22.67 -31.86
CA GLU B 140 -20.79 22.89 -33.05
C GLU B 140 -19.65 21.89 -33.01
N TYR B 141 -18.94 21.81 -31.88
CA TYR B 141 -17.88 20.81 -31.70
C TYR B 141 -18.43 19.43 -32.02
N PHE B 142 -19.58 19.10 -31.41
CA PHE B 142 -20.24 17.82 -31.64
C PHE B 142 -20.37 17.65 -33.17
N ALA B 143 -21.04 18.55 -33.86
CA ALA B 143 -21.23 18.47 -35.31
C ALA B 143 -19.92 18.76 -36.01
N SER B 144 -18.91 17.93 -35.99
CA SER B 144 -17.57 18.23 -36.51
C SER B 144 -16.74 16.99 -36.18
N GLY B 145 -17.43 16.07 -35.47
CA GLY B 145 -16.92 14.79 -35.08
C GLY B 145 -16.35 14.72 -33.66
N SER B 146 -16.48 15.78 -32.83
CA SER B 146 -15.92 15.64 -31.47
C SER B 146 -16.78 14.69 -30.62
N ARG B 147 -16.20 13.76 -29.89
CA ARG B 147 -17.08 12.89 -29.06
C ARG B 147 -17.55 13.75 -27.88
N TRP B 148 -18.80 13.72 -27.47
CA TRP B 148 -19.31 14.56 -26.35
C TRP B 148 -20.04 13.81 -25.22
N LEU B 149 -19.36 13.58 -24.09
CA LEU B 149 -19.89 12.82 -22.96
C LEU B 149 -20.13 13.66 -21.68
N SER B 150 -20.92 13.09 -20.76
CA SER B 150 -21.19 13.65 -19.46
C SER B 150 -21.11 12.57 -18.37
N ALA B 151 -20.75 13.03 -17.13
CA ALA B 151 -20.75 12.04 -16.01
C ALA B 151 -22.19 12.04 -15.49
N PRO B 152 -22.64 10.97 -14.84
CA PRO B 152 -23.96 10.92 -14.27
C PRO B 152 -24.19 12.14 -13.40
N LYS B 153 -25.34 12.81 -13.44
CA LYS B 153 -25.55 13.99 -12.59
C LYS B 153 -25.73 13.53 -11.13
N PRO B 154 -24.88 13.99 -10.22
CA PRO B 154 -24.85 13.53 -8.81
C PRO B 154 -26.09 13.76 -7.95
N ARG B 155 -26.27 12.96 -6.87
CA ARG B 155 -27.43 13.18 -6.00
C ARG B 155 -27.13 14.45 -5.19
N LEU B 156 -25.94 14.39 -4.59
CA LEU B 156 -25.41 15.51 -3.81
C LEU B 156 -26.23 15.90 -2.58
N THR B 157 -26.62 14.88 -1.81
CA THR B 157 -27.32 15.05 -0.52
C THR B 157 -26.34 15.46 0.60
N ASP B 158 -26.88 15.88 1.77
CA ASP B 158 -26.07 16.37 2.89
C ASP B 158 -24.92 15.45 3.20
N ASP B 159 -25.09 14.14 3.08
CA ASP B 159 -24.09 13.14 3.34
C ASP B 159 -22.81 13.14 2.53
N SER B 160 -22.70 13.91 1.45
CA SER B 160 -21.52 14.00 0.60
C SER B 160 -20.56 15.07 1.08
N TYR B 161 -20.94 15.80 2.15
CA TYR B 161 -20.15 16.91 2.68
C TYR B 161 -19.79 16.71 4.15
N ALA B 162 -18.74 17.31 4.64
CA ALA B 162 -18.28 17.14 6.05
C ALA B 162 -17.57 18.41 6.53
N PRO B 163 -18.37 19.46 6.69
CA PRO B 163 -17.86 20.78 7.03
C PRO B 163 -16.77 20.77 8.08
N GLN B 164 -17.02 20.12 9.21
CA GLN B 164 -16.17 20.00 10.39
C GLN B 164 -14.89 19.22 10.14
N ALA B 165 -14.75 18.34 9.16
CA ALA B 165 -13.49 17.63 8.97
C ALA B 165 -12.34 18.57 8.63
N PRO B 166 -11.13 18.02 8.66
CA PRO B 166 -9.92 18.74 8.29
C PRO B 166 -9.95 19.01 6.77
N ALA B 167 -9.21 20.00 6.27
CA ALA B 167 -9.22 20.29 4.82
C ALA B 167 -8.75 19.14 3.93
N GLY B 168 -9.42 18.98 2.78
CA GLY B 168 -9.11 17.93 1.81
C GLY B 168 -9.83 16.65 2.22
N GLU B 169 -10.81 16.81 3.11
CA GLU B 169 -11.55 15.69 3.68
C GLU B 169 -12.99 16.07 4.05
N ARG B 170 -13.50 17.13 3.43
CA ARG B 170 -14.86 17.57 3.75
C ARG B 170 -15.78 17.12 2.62
N LEU B 171 -15.25 16.38 1.66
CA LEU B 171 -16.07 15.88 0.55
C LEU B 171 -16.06 14.36 0.70
N THR B 172 -17.18 13.80 1.15
CA THR B 172 -17.15 12.35 1.40
C THR B 172 -17.09 11.61 0.05
N ASP B 173 -17.01 10.29 0.12
CA ASP B 173 -16.87 9.49 -1.10
C ASP B 173 -18.11 8.64 -1.29
N GLU B 174 -19.26 9.24 -1.55
CA GLU B 174 -20.46 8.40 -1.70
C GLU B 174 -20.80 8.14 -3.18
N GLU B 175 -20.41 9.05 -4.07
CA GLU B 175 -20.65 8.96 -5.52
C GLU B 175 -19.55 9.71 -6.26
N PRO B 176 -19.38 9.40 -7.56
CA PRO B 176 -18.34 10.05 -8.39
C PRO B 176 -18.56 11.54 -8.44
N VAL B 177 -17.75 12.34 -7.76
CA VAL B 177 -17.91 13.79 -7.84
C VAL B 177 -16.46 14.27 -8.05
N PHE B 178 -16.32 15.26 -8.92
CA PHE B 178 -15.01 15.86 -9.20
C PHE B 178 -15.18 17.00 -10.22
N ASP B 179 -14.54 18.13 -9.98
CA ASP B 179 -14.47 19.24 -10.93
C ASP B 179 -13.35 18.90 -11.93
N ALA B 180 -13.44 19.26 -13.21
CA ALA B 180 -12.40 19.04 -14.23
C ALA B 180 -11.06 19.62 -13.84
N ALA B 181 -11.06 20.76 -13.15
CA ALA B 181 -9.89 21.45 -12.64
C ALA B 181 -9.08 20.69 -11.59
N ASN B 182 -9.45 19.46 -11.23
CA ASN B 182 -8.77 18.60 -10.31
C ASN B 182 -7.92 17.63 -11.14
N VAL B 183 -8.04 17.71 -12.47
CA VAL B 183 -7.31 16.84 -13.40
C VAL B 183 -6.35 17.72 -14.20
N LEU B 184 -5.16 17.23 -14.48
CA LEU B 184 -4.11 17.85 -15.26
C LEU B 184 -3.70 16.80 -16.32
N ARG B 185 -3.38 17.23 -17.56
CA ARG B 185 -3.16 16.28 -18.66
C ARG B 185 -1.82 16.30 -19.40
N PHE B 186 -1.09 15.19 -19.23
CA PHE B 186 0.21 14.94 -19.79
C PHE B 186 0.11 13.78 -20.80
N GLY B 187 -0.68 13.96 -21.86
CA GLY B 187 -0.85 12.94 -22.92
C GLY B 187 -1.55 11.74 -22.32
N THR B 188 -0.99 10.56 -22.48
CA THR B 188 -1.47 9.31 -21.89
C THR B 188 -1.74 9.36 -20.37
N ASP B 189 -0.84 9.98 -19.61
CA ASP B 189 -0.95 10.11 -18.15
C ASP B 189 -1.85 11.29 -17.79
N LEU B 190 -2.77 10.99 -16.86
CA LEU B 190 -3.75 11.96 -16.39
C LEU B 190 -3.55 12.07 -14.86
N LEU B 191 -3.24 13.25 -14.35
CA LEU B 191 -2.99 13.39 -12.89
C LEU B 191 -4.31 13.79 -12.26
N TYR B 192 -4.74 13.12 -11.16
CA TYR B 192 -6.05 13.52 -10.60
C TYR B 192 -5.88 13.77 -9.09
N LEU B 193 -5.98 15.04 -8.70
CA LEU B 193 -5.85 15.37 -7.28
C LEU B 193 -7.10 15.04 -6.47
N VAL B 194 -7.07 14.03 -5.58
CA VAL B 194 -8.28 13.77 -4.75
C VAL B 194 -8.28 14.77 -3.58
N SER B 195 -9.27 15.66 -3.51
CA SER B 195 -9.31 16.67 -2.44
C SER B 195 -10.74 17.05 -2.09
N ASP B 196 -10.98 18.25 -1.58
CA ASP B 196 -12.32 18.70 -1.22
C ASP B 196 -13.21 18.89 -2.47
N SER B 197 -12.65 18.88 -3.70
CA SER B 197 -13.51 19.03 -4.89
C SER B 197 -13.30 17.89 -5.88
N GLY B 198 -13.21 16.67 -5.35
CA GLY B 198 -13.06 15.49 -6.19
C GLY B 198 -12.65 14.25 -5.39
N ASN B 199 -13.52 13.24 -5.30
CA ASN B 199 -13.21 12.03 -4.54
C ASN B 199 -12.64 10.89 -5.40
N GLU B 200 -12.33 9.81 -4.71
CA GLU B 200 -11.78 8.56 -5.22
C GLU B 200 -12.69 7.93 -6.27
N LEU B 201 -14.00 7.97 -5.96
CA LEU B 201 -14.99 7.42 -6.89
C LEU B 201 -14.98 8.19 -8.21
N GLY B 202 -14.75 9.50 -8.12
CA GLY B 202 -14.61 10.34 -9.31
C GLY B 202 -13.47 9.85 -10.20
N ALA B 203 -12.31 9.55 -9.64
CA ALA B 203 -11.20 9.05 -10.46
C ALA B 203 -11.53 7.62 -10.90
N LYS B 204 -12.21 6.84 -10.04
CA LYS B 204 -12.64 5.50 -10.46
C LYS B 204 -13.40 5.73 -11.79
N TRP B 205 -14.45 6.55 -11.70
CA TRP B 205 -15.27 6.89 -12.86
C TRP B 205 -14.44 7.53 -13.99
N LEU B 206 -13.54 8.47 -13.67
CA LEU B 206 -12.77 9.10 -14.76
C LEU B 206 -12.07 8.05 -15.66
N GLN B 207 -11.42 7.09 -15.00
CA GLN B 207 -10.80 6.01 -15.75
C GLN B 207 -11.66 5.24 -16.75
N SER B 208 -12.84 4.82 -16.34
CA SER B 208 -13.75 4.05 -17.19
C SER B 208 -14.21 4.84 -18.42
N ALA B 209 -14.42 6.14 -18.28
CA ALA B 209 -14.86 7.01 -19.36
C ALA B 209 -13.80 7.25 -20.44
N VAL B 210 -12.52 7.26 -20.09
CA VAL B 210 -11.48 7.49 -21.10
C VAL B 210 -10.86 6.17 -21.55
N GLY B 211 -10.96 5.08 -20.80
CA GLY B 211 -10.40 3.83 -21.24
C GLY B 211 -8.94 3.55 -21.06
N ASP B 212 -8.50 2.33 -21.33
CA ASP B 212 -7.18 1.79 -21.22
C ASP B 212 -6.02 2.56 -21.78
N THR B 213 -6.17 3.36 -22.84
CA THR B 213 -5.05 4.13 -23.41
C THR B 213 -4.44 5.00 -22.32
N TYR B 214 -5.29 5.73 -21.59
CA TYR B 214 -4.83 6.61 -20.53
C TYR B 214 -4.77 5.91 -19.14
N THR B 215 -3.91 6.51 -18.32
CA THR B 215 -3.79 6.01 -16.93
C THR B 215 -4.01 7.17 -15.97
N VAL B 216 -5.07 7.05 -15.15
CA VAL B 216 -5.39 8.13 -14.22
C VAL B 216 -4.54 7.95 -12.95
N HIS B 217 -3.87 9.01 -12.55
CA HIS B 217 -3.04 8.96 -11.33
C HIS B 217 -3.64 9.83 -10.21
N PRO B 218 -4.40 9.20 -9.31
CA PRO B 218 -5.01 9.90 -8.17
C PRO B 218 -3.97 10.25 -7.11
N CYS B 219 -4.03 11.47 -6.55
CA CYS B 219 -3.09 11.91 -5.55
C CYS B 219 -3.73 12.43 -4.26
N ARG B 220 -3.38 11.83 -3.08
CA ARG B 220 -4.04 12.33 -1.85
C ARG B 220 -3.05 12.92 -0.84
N LYS B 221 -1.77 13.03 -1.23
CA LYS B 221 -0.82 13.62 -0.28
C LYS B 221 -0.44 15.04 -0.63
N LEU B 222 -0.72 15.56 -1.86
CA LEU B 222 -0.46 17.00 -2.09
C LEU B 222 -1.46 17.69 -1.13
N TYR B 223 -1.18 18.94 -0.80
CA TYR B 223 -2.01 19.62 0.19
C TYR B 223 -2.99 20.58 -0.43
N ALA B 224 -3.19 20.53 -1.77
CA ALA B 224 -4.25 21.34 -2.40
C ALA B 224 -5.55 20.91 -1.69
N SER B 225 -6.36 21.91 -1.32
CA SER B 225 -7.63 21.55 -0.66
C SER B 225 -8.71 21.39 -1.75
N THR B 226 -8.43 21.99 -2.93
CA THR B 226 -9.46 21.98 -3.98
C THR B 226 -8.96 21.69 -5.38
N HIS B 227 -8.26 22.56 -6.09
CA HIS B 227 -7.84 22.32 -7.49
C HIS B 227 -6.33 22.20 -7.63
N VAL B 228 -5.88 21.38 -8.58
CA VAL B 228 -4.44 21.14 -8.74
C VAL B 228 -3.78 22.28 -9.48
N ASP B 229 -4.56 23.07 -10.19
CA ASP B 229 -4.25 24.25 -10.95
C ASP B 229 -3.09 25.15 -10.59
N SER B 230 -2.91 25.48 -9.30
CA SER B 230 -1.88 26.37 -8.80
C SER B 230 -0.96 25.64 -7.81
N THR B 231 -0.88 24.31 -8.01
CA THR B 231 0.02 23.49 -7.19
C THR B 231 1.06 22.84 -8.11
N ILE B 232 0.61 22.25 -9.23
CA ILE B 232 1.54 21.63 -10.17
C ILE B 232 1.35 22.30 -11.53
N VAL B 233 2.31 23.03 -12.10
CA VAL B 233 2.13 23.62 -13.44
C VAL B 233 3.16 23.14 -14.47
N PRO B 234 2.87 22.12 -15.27
CA PRO B 234 3.74 21.69 -16.38
C PRO B 234 4.01 22.82 -17.37
N LEU B 235 5.20 22.93 -17.97
CA LEU B 235 5.53 24.04 -18.86
C LEU B 235 5.88 23.63 -20.30
N ARG B 236 6.45 22.46 -20.44
CA ARG B 236 6.89 21.81 -21.69
C ARG B 236 7.32 20.42 -21.21
N PRO B 237 7.41 19.45 -22.10
CA PRO B 237 7.77 18.08 -21.73
C PRO B 237 9.09 18.03 -21.00
N GLY B 238 9.14 17.57 -19.74
CA GLY B 238 10.36 17.52 -18.95
C GLY B 238 10.64 18.68 -18.01
N LEU B 239 9.73 19.62 -17.81
CA LEU B 239 9.93 20.77 -16.93
C LEU B 239 8.58 21.15 -16.32
N VAL B 240 8.51 21.10 -14.98
CA VAL B 240 7.27 21.44 -14.27
C VAL B 240 7.65 22.38 -13.13
N LEU B 241 6.78 23.34 -12.91
CA LEU B 241 6.85 24.37 -11.87
C LEU B 241 6.05 23.86 -10.66
N THR B 242 6.58 23.85 -9.43
CA THR B 242 5.76 23.36 -8.30
C THR B 242 5.56 24.41 -7.21
N ASN B 243 4.52 24.21 -6.38
CA ASN B 243 4.20 25.11 -5.25
C ASN B 243 4.90 24.54 -4.00
N PRO B 244 5.93 25.25 -3.54
CA PRO B 244 6.79 24.85 -2.44
C PRO B 244 6.17 24.74 -1.06
N SER B 245 5.03 25.37 -0.82
CA SER B 245 4.31 25.24 0.46
C SER B 245 3.50 23.96 0.43
N ARG B 246 3.23 23.42 -0.76
CA ARG B 246 2.43 22.22 -0.93
C ARG B 246 3.24 21.01 -1.38
N VAL B 247 3.90 21.03 -2.55
CA VAL B 247 4.55 19.81 -3.03
C VAL B 247 6.02 19.79 -2.64
N ASN B 248 6.54 18.60 -2.35
CA ASN B 248 7.95 18.49 -1.98
C ASN B 248 8.52 17.22 -2.59
N ASP B 249 9.52 16.64 -1.93
CA ASP B 249 10.18 15.46 -2.52
C ASP B 249 9.48 14.18 -2.12
N GLU B 250 8.76 14.19 -0.99
CA GLU B 250 8.02 13.01 -0.52
C GLU B 250 6.59 13.02 -1.04
N ASN B 251 6.26 14.08 -1.75
CA ASN B 251 4.98 14.41 -2.33
C ASN B 251 4.85 13.98 -3.81
N MET B 252 5.69 14.59 -4.64
CA MET B 252 5.75 14.41 -6.10
C MET B 252 5.25 13.09 -6.65
N PRO B 253 4.28 13.15 -7.57
CA PRO B 253 3.77 12.00 -8.26
C PRO B 253 4.93 11.22 -8.89
N ASP B 254 4.72 9.92 -9.06
CA ASP B 254 5.80 9.07 -9.61
C ASP B 254 6.12 9.34 -11.07
N PHE B 255 5.18 9.47 -12.02
CA PHE B 255 5.56 9.73 -13.43
C PHE B 255 6.15 11.11 -13.66
N LEU B 256 6.24 11.97 -12.68
CA LEU B 256 6.76 13.32 -12.80
C LEU B 256 8.16 13.41 -12.18
N ARG B 257 8.56 12.35 -11.44
CA ARG B 257 9.85 12.28 -10.79
C ARG B 257 11.03 12.45 -11.72
N SER B 258 10.92 12.19 -13.02
CA SER B 258 12.00 12.33 -14.00
C SER B 258 12.05 13.74 -14.58
N TRP B 259 10.93 14.43 -14.68
CA TRP B 259 10.92 15.81 -15.17
C TRP B 259 11.77 16.69 -14.23
N GLU B 260 12.44 17.68 -14.75
CA GLU B 260 13.19 18.64 -13.94
C GLU B 260 12.12 19.51 -13.28
N ASN B 261 12.29 19.83 -11.99
CA ASN B 261 11.30 20.63 -11.27
C ASN B 261 11.80 22.00 -10.85
N ILE B 262 11.16 23.12 -11.20
CA ILE B 262 11.60 24.41 -10.70
C ILE B 262 10.57 24.91 -9.68
N THR B 263 11.05 25.27 -8.49
CA THR B 263 10.31 25.76 -7.34
C THR B 263 9.89 27.20 -7.61
N CYS B 264 8.64 27.51 -7.32
CA CYS B 264 8.14 28.86 -7.48
C CYS B 264 8.73 29.79 -6.44
N PRO B 265 9.11 30.99 -6.83
CA PRO B 265 9.56 32.00 -5.87
C PRO B 265 8.34 32.37 -5.01
N GLU B 266 8.49 33.13 -3.92
CA GLU B 266 7.30 33.52 -3.14
C GLU B 266 6.69 34.69 -3.91
N LEU B 267 5.37 34.63 -4.09
CA LEU B 267 4.70 35.60 -4.94
C LEU B 267 4.47 36.95 -4.30
N VAL B 268 3.98 37.88 -5.12
CA VAL B 268 3.60 39.21 -4.68
C VAL B 268 2.15 38.98 -4.21
N ASP B 269 1.72 39.68 -3.17
CA ASP B 269 0.32 39.55 -2.78
C ASP B 269 -0.51 40.58 -3.54
N ILE B 270 -1.02 40.24 -4.73
CA ILE B 270 -2.02 41.14 -5.36
C ILE B 270 -3.16 41.22 -4.33
N GLY B 271 -3.96 42.27 -4.19
CA GLY B 271 -4.94 42.27 -3.09
C GLY B 271 -6.15 41.36 -3.19
N PHE B 272 -7.12 41.63 -2.31
CA PHE B 272 -8.42 41.00 -2.25
C PHE B 272 -9.39 42.07 -1.73
N THR B 273 -10.60 42.01 -2.25
CA THR B 273 -11.67 42.97 -1.89
C THR B 273 -12.72 42.12 -1.19
N GLY B 274 -13.01 42.32 0.10
CA GLY B 274 -13.97 41.43 0.76
C GLY B 274 -13.86 41.56 2.27
N ASP B 275 -13.68 40.48 3.00
CA ASP B 275 -13.63 40.40 4.47
C ASP B 275 -12.46 39.48 4.84
N LYS B 276 -12.51 38.47 3.98
CA LYS B 276 -11.63 37.31 3.93
C LYS B 276 -11.37 37.04 2.43
N PRO B 277 -10.14 36.85 2.00
CA PRO B 277 -9.82 36.53 0.60
C PRO B 277 -10.44 35.22 0.15
N HIS B 278 -10.74 35.06 -1.13
CA HIS B 278 -11.40 33.83 -1.62
C HIS B 278 -10.34 32.84 -2.08
N CYS B 279 -9.18 33.33 -2.50
CA CYS B 279 -8.12 32.44 -2.96
C CYS B 279 -6.81 32.78 -2.25
N SER B 280 -6.02 31.73 -2.04
CA SER B 280 -4.68 31.87 -1.48
C SER B 280 -3.81 32.68 -2.45
N VAL B 281 -2.75 33.33 -1.97
CA VAL B 281 -1.84 34.10 -2.81
C VAL B 281 -1.23 33.33 -4.01
N TRP B 282 -1.24 32.02 -3.95
CA TRP B 282 -0.84 31.07 -4.95
C TRP B 282 -1.65 31.07 -6.23
N ILE B 283 -2.69 31.89 -6.44
CA ILE B 283 -3.26 32.00 -7.78
C ILE B 283 -2.23 32.74 -8.66
N GLY B 284 -1.29 33.47 -8.11
CA GLY B 284 -0.18 34.09 -8.83
C GLY B 284 0.45 33.05 -9.76
N MET B 285 0.53 31.80 -9.33
CA MET B 285 1.00 30.69 -10.16
C MET B 285 0.02 30.22 -11.21
N ASN B 286 -1.26 30.55 -11.22
CA ASN B 286 -2.23 30.05 -12.19
C ASN B 286 -2.00 30.48 -13.67
N LEU B 287 -0.81 30.18 -14.22
CA LEU B 287 -0.39 30.59 -15.55
C LEU B 287 -0.89 29.63 -16.61
N LEU B 288 -0.89 30.11 -17.86
CA LEU B 288 -1.44 29.42 -19.02
C LEU B 288 -0.35 29.32 -20.09
N VAL B 289 0.12 28.13 -20.38
CA VAL B 289 1.16 27.90 -21.41
C VAL B 289 0.59 27.88 -22.84
N VAL B 290 0.96 28.81 -23.71
CA VAL B 290 0.44 28.96 -25.08
C VAL B 290 1.05 28.02 -26.13
N ARG B 291 2.35 27.84 -26.01
CA ARG B 291 3.18 26.91 -26.76
C ARG B 291 4.35 26.64 -25.83
N PRO B 292 5.15 25.62 -26.11
CA PRO B 292 6.28 25.25 -25.27
C PRO B 292 7.27 26.32 -24.87
N ASP B 293 7.37 27.43 -25.57
CA ASP B 293 8.24 28.55 -25.28
C ASP B 293 7.47 29.84 -25.01
N LEU B 294 6.16 29.81 -24.88
CA LEU B 294 5.30 30.92 -24.60
C LEU B 294 4.26 30.61 -23.50
N ALA B 295 4.15 31.45 -22.46
CA ALA B 295 3.23 31.26 -21.32
C ALA B 295 2.68 32.61 -20.86
N VAL B 296 1.43 32.67 -20.37
CA VAL B 296 0.96 33.99 -19.93
C VAL B 296 0.98 33.99 -18.39
N VAL B 297 1.63 34.99 -17.83
CA VAL B 297 1.81 35.19 -16.39
C VAL B 297 1.36 36.60 -16.00
N ASP B 298 0.78 36.79 -14.79
CA ASP B 298 0.43 38.14 -14.37
C ASP B 298 1.70 38.96 -14.29
N ARG B 299 1.74 40.14 -14.90
CA ARG B 299 2.91 41.00 -14.92
C ARG B 299 3.37 41.55 -13.56
N ARG B 300 2.75 41.20 -12.43
CA ARG B 300 3.20 41.71 -11.14
C ARG B 300 4.06 40.66 -10.48
N GLN B 301 4.07 39.48 -11.08
CA GLN B 301 4.88 38.36 -10.54
C GLN B 301 6.23 38.40 -11.24
N THR B 302 6.97 39.48 -10.99
CA THR B 302 8.29 39.75 -11.57
C THR B 302 9.30 38.70 -11.12
N ALA B 303 9.29 38.20 -9.88
CA ALA B 303 10.15 37.08 -9.51
C ALA B 303 9.87 35.87 -10.40
N LEU B 304 8.61 35.50 -10.54
CA LEU B 304 8.17 34.40 -11.37
C LEU B 304 8.45 34.56 -12.88
N ILE B 305 8.26 35.74 -13.48
CA ILE B 305 8.59 35.90 -14.91
C ILE B 305 10.11 35.74 -15.13
N ARG B 306 10.91 36.35 -14.24
CA ARG B 306 12.36 36.23 -14.29
C ARG B 306 12.70 34.75 -14.39
N LEU B 307 12.37 33.99 -13.33
CA LEU B 307 12.67 32.57 -13.28
C LEU B 307 12.29 31.86 -14.59
N LEU B 308 11.03 31.95 -14.99
CA LEU B 308 10.59 31.31 -16.25
C LEU B 308 11.52 31.65 -17.42
N GLU B 309 11.88 32.91 -17.62
CA GLU B 309 12.82 33.31 -18.69
C GLU B 309 14.19 32.66 -18.51
N LYS B 310 14.70 32.57 -17.26
CA LYS B 310 15.94 31.86 -16.98
C LYS B 310 15.93 30.44 -17.55
N HIS B 311 14.82 29.72 -17.60
CA HIS B 311 14.68 28.43 -18.21
C HIS B 311 14.14 28.43 -19.65
N GLY B 312 14.44 29.48 -20.43
CA GLY B 312 14.06 29.56 -21.86
C GLY B 312 12.59 29.39 -22.14
N MET B 313 11.78 30.12 -21.38
CA MET B 313 10.34 30.19 -21.49
C MET B 313 9.99 31.66 -21.66
N ASN B 314 9.57 32.10 -22.85
CA ASN B 314 9.23 33.52 -23.06
C ASN B 314 7.80 33.80 -22.54
N VAL B 315 7.66 34.92 -21.80
CA VAL B 315 6.35 35.23 -21.21
C VAL B 315 5.66 36.39 -21.89
N LEU B 316 4.35 36.45 -21.76
CA LEU B 316 3.52 37.52 -22.32
C LEU B 316 2.72 37.95 -21.07
N PRO B 317 3.19 38.99 -20.40
CA PRO B 317 2.62 39.41 -19.11
C PRO B 317 1.42 40.30 -19.22
N LEU B 318 0.26 39.72 -18.96
CA LEU B 318 -1.02 40.42 -18.90
C LEU B 318 -1.41 40.53 -17.41
N GLN B 319 -2.56 41.04 -17.03
CA GLN B 319 -2.86 41.16 -15.58
C GLN B 319 -4.31 40.88 -15.29
N LEU B 320 -4.57 40.08 -14.25
CA LEU B 320 -5.91 39.79 -13.77
C LEU B 320 -5.97 40.30 -12.31
N THR B 321 -6.42 41.52 -12.14
CA THR B 321 -6.48 42.20 -10.84
C THR B 321 -7.28 41.43 -9.79
N HIS B 322 -8.54 41.07 -10.07
CA HIS B 322 -9.33 40.42 -9.01
C HIS B 322 -9.22 38.91 -8.89
N SER B 323 -8.04 38.32 -9.15
CA SER B 323 -7.85 36.89 -9.08
C SER B 323 -8.14 36.32 -7.70
N ARG B 324 -7.67 36.96 -6.61
CA ARG B 324 -7.93 36.40 -5.26
C ARG B 324 -9.39 36.65 -4.90
N THR B 325 -10.10 37.55 -5.59
CA THR B 325 -11.50 37.73 -5.21
C THR B 325 -12.38 36.70 -5.89
N LEU B 326 -12.28 36.52 -7.21
CA LEU B 326 -13.12 35.55 -7.91
C LEU B 326 -12.51 34.16 -7.90
N GLY B 327 -11.21 34.06 -7.58
CA GLY B 327 -10.51 32.79 -7.51
C GLY B 327 -10.20 32.27 -8.91
N GLY B 328 -9.36 32.94 -9.71
CA GLY B 328 -9.09 32.40 -11.08
C GLY B 328 -7.91 33.14 -11.68
N GLY B 329 -6.97 32.38 -12.23
CA GLY B 329 -5.77 33.00 -12.82
C GLY B 329 -5.92 32.76 -14.35
N PHE B 330 -4.86 32.85 -15.14
CA PHE B 330 -5.02 32.60 -16.59
C PHE B 330 -5.50 31.20 -16.90
N HIS B 331 -5.00 30.18 -16.21
CA HIS B 331 -5.45 28.83 -16.47
C HIS B 331 -6.89 28.59 -16.03
N CYS B 332 -7.25 29.00 -14.79
CA CYS B 332 -8.63 28.80 -14.33
C CYS B 332 -9.57 29.49 -15.31
N ALA B 333 -9.27 30.71 -15.73
CA ALA B 333 -10.08 31.51 -16.65
C ALA B 333 -10.04 31.15 -18.13
N THR B 334 -9.60 30.00 -18.58
CA THR B 334 -9.56 29.57 -19.99
C THR B 334 -9.83 28.07 -20.06
N LEU B 335 -10.13 27.56 -21.26
CA LEU B 335 -10.30 26.13 -21.52
C LEU B 335 -9.77 25.85 -22.95
N ASP B 336 -8.64 25.16 -23.13
CA ASP B 336 -8.06 24.87 -24.45
C ASP B 336 -8.70 23.68 -25.15
N VAL B 337 -9.37 23.94 -26.29
CA VAL B 337 -10.08 22.86 -27.00
C VAL B 337 -9.24 22.27 -28.13
N ARG B 338 -8.08 22.82 -28.45
CA ARG B 338 -7.21 22.27 -29.49
C ARG B 338 -5.79 22.85 -29.50
N ARG B 339 -4.82 21.96 -29.41
CA ARG B 339 -3.41 22.32 -29.47
C ARG B 339 -2.77 21.48 -30.59
N THR B 340 -1.98 22.14 -31.46
CA THR B 340 -1.38 21.39 -32.58
C THR B 340 -0.50 20.27 -32.02
N GLY B 341 -0.63 19.06 -32.55
CA GLY B 341 0.19 17.98 -32.03
C GLY B 341 -0.42 16.59 -31.92
N ALA B 342 0.30 15.66 -31.28
CA ALA B 342 -0.13 14.26 -31.17
C ALA B 342 -0.05 13.62 -29.78
N LEU B 343 -0.58 12.39 -29.70
CA LEU B 343 -0.66 11.70 -28.41
C LEU B 343 0.59 10.90 -28.05
N GLU B 344 1.23 11.26 -26.92
CA GLU B 344 2.47 10.60 -26.54
C GLU B 344 2.64 10.30 -25.04
N THR B 345 3.77 9.72 -24.65
CA THR B 345 4.01 9.44 -23.20
C THR B 345 5.30 10.03 -22.64
N TYR B 346 5.23 11.07 -21.81
CA TYR B 346 6.43 11.74 -21.32
C TYR B 346 7.14 11.19 -20.07
N GLN B 347 7.48 9.90 -19.97
CA GLN B 347 8.17 9.46 -18.70
C GLN B 347 9.63 9.28 -19.14
N PHE B 348 10.56 10.07 -18.61
CA PHE B 348 11.94 9.91 -19.07
C PHE B 348 12.82 9.09 -18.11
#